data_1FBE
#
_entry.id   1FBE
#
_cell.length_a   132.000
_cell.length_b   132.000
_cell.length_c   67.400
_cell.angle_alpha   90.00
_cell.angle_beta   90.00
_cell.angle_gamma   120.00
#
_symmetry.space_group_name_H-M   'P 32 2 1'
#
loop_
_entity.id
_entity.type
_entity.pdbx_description
1 polymer 'FRUCTOSE 1,6-BISPHOSPHATASE'
2 non-polymer 'ZINC ION'
3 non-polymer 2,5-anhydro-1,6-di-O-phosphono-D-glucitol
#
_entity_poly.entity_id   1
_entity_poly.type   'polypeptide(L)'
_entity_poly.pdbx_seq_one_letter_code
;TDQAAFDTNIVTLTRFVMEQGRKARGTGEMTQLLNSLCTAVKAISTAVRKAGIAHLYGIAGSTNVTGDQVKKLDVLSNDL
VINVLKSSFATCVLVTEEDKNAIIVEPEKRGKYVVCFDPLDGSSNIDCLVSIGTIFGIYRKNSTDEPSEKDALQPGRNLV
AAGYALYGSATMLVLAMVNGVNCFMLDPAIGEFILVDRNVKIKKKGSIYSINEGYAKEFDPAITEYIQRKKFPPDNSAPY
GARYVGSMVADVHRTLVYGGIFMYPANKKSPKGKLRLLYECNPMAYVMEKAGGLATTGKEAVLDIVPTDIHQRAPIILGS
PEDVTELLEIYQKHA
;
_entity_poly.pdbx_strand_id   A,B
#
loop_
_chem_comp.id
_chem_comp.type
_chem_comp.name
_chem_comp.formula
AHG D-saccharide 2,5-anhydro-1,6-di-O-phosphono-D-glucitol 'C6 H14 O11 P2'
ZN non-polymer 'ZINC ION' 'Zn 2'
#
# COMPACT_ATOMS: atom_id res chain seq x y z
N ASP A 7 -18.13 -1.82 -22.72
CA ASP A 7 -19.33 -0.98 -22.56
C ASP A 7 -19.42 -0.10 -23.81
N THR A 8 -20.48 -0.05 -24.62
CA THR A 8 -20.43 0.75 -25.82
C THR A 8 -20.56 2.25 -25.55
N ASN A 9 -20.60 2.79 -24.33
CA ASN A 9 -20.48 4.24 -24.11
C ASN A 9 -19.79 4.47 -22.77
N ILE A 10 -18.47 4.43 -22.97
CA ILE A 10 -17.55 4.54 -21.86
C ILE A 10 -17.25 6.02 -21.82
N VAL A 11 -17.19 6.54 -20.61
CA VAL A 11 -16.75 7.91 -20.47
C VAL A 11 -15.29 7.98 -20.03
N THR A 12 -14.44 8.10 -21.04
CA THR A 12 -13.02 8.28 -20.84
C THR A 12 -12.71 9.58 -20.07
N LEU A 13 -11.45 9.80 -19.72
CA LEU A 13 -11.06 11.06 -19.13
C LEU A 13 -11.16 12.15 -20.17
N THR A 14 -10.71 11.84 -21.37
CA THR A 14 -10.70 12.77 -22.47
C THR A 14 -12.12 13.22 -22.73
N ARG A 15 -13.09 12.32 -22.77
CA ARG A 15 -14.43 12.75 -23.08
C ARG A 15 -14.92 13.61 -21.94
N PHE A 16 -14.53 13.32 -20.71
CA PHE A 16 -14.96 14.13 -19.62
C PHE A 16 -14.30 15.48 -19.73
N VAL A 17 -12.98 15.60 -19.90
CA VAL A 17 -12.24 16.87 -19.97
C VAL A 17 -12.75 17.78 -21.07
N MET A 18 -12.70 17.26 -22.27
CA MET A 18 -13.10 17.94 -23.47
C MET A 18 -14.46 18.60 -23.34
N GLU A 19 -15.43 17.86 -22.82
CA GLU A 19 -16.72 18.44 -22.54
C GLU A 19 -16.69 19.50 -21.46
N GLN A 20 -15.93 19.47 -20.36
CA GLN A 20 -16.01 20.63 -19.50
C GLN A 20 -15.27 21.77 -20.24
N GLY A 21 -14.26 21.45 -21.06
CA GLY A 21 -13.57 22.43 -21.89
C GLY A 21 -14.50 23.11 -22.92
N ARG A 22 -15.42 22.34 -23.48
CA ARG A 22 -16.45 22.80 -24.40
C ARG A 22 -17.17 24.02 -23.81
N LYS A 23 -17.34 23.96 -22.48
CA LYS A 23 -17.99 24.95 -21.63
C LYS A 23 -17.21 26.21 -21.29
N ALA A 24 -15.89 26.21 -21.19
CA ALA A 24 -15.17 27.44 -20.92
C ALA A 24 -14.96 28.30 -22.17
N ARG A 25 -15.33 27.73 -23.32
CA ARG A 25 -15.25 28.30 -24.66
C ARG A 25 -13.85 28.78 -24.91
N GLY A 26 -13.05 27.71 -24.88
CA GLY A 26 -11.61 27.81 -24.95
C GLY A 26 -10.93 27.13 -26.13
N THR A 27 -9.69 26.70 -25.94
CA THR A 27 -8.80 26.23 -27.00
C THR A 27 -8.69 24.75 -27.24
N GLY A 28 -8.80 23.93 -26.18
CA GLY A 28 -8.54 22.51 -26.30
C GLY A 28 -7.20 22.13 -25.67
N GLU A 29 -6.31 23.09 -25.32
CA GLU A 29 -5.03 22.84 -24.65
C GLU A 29 -5.18 22.01 -23.39
N MET A 30 -6.04 22.24 -22.38
CA MET A 30 -6.13 21.39 -21.19
C MET A 30 -6.28 19.97 -21.63
N THR A 31 -7.23 19.66 -22.54
CA THR A 31 -7.38 18.33 -23.11
C THR A 31 -6.12 17.80 -23.71
N GLN A 32 -5.31 18.58 -24.46
CA GLN A 32 -4.06 18.11 -24.98
C GLN A 32 -3.19 17.78 -23.79
N LEU A 33 -2.97 18.70 -22.86
CA LEU A 33 -2.17 18.51 -21.67
C LEU A 33 -2.58 17.25 -20.94
N LEU A 34 -3.82 17.12 -20.48
CA LEU A 34 -4.27 15.96 -19.79
C LEU A 34 -4.07 14.71 -20.61
N ASN A 35 -4.54 14.75 -21.83
CA ASN A 35 -4.33 13.62 -22.66
C ASN A 35 -2.91 13.17 -22.80
N SER A 36 -1.96 14.06 -22.85
CA SER A 36 -0.59 13.65 -23.03
C SER A 36 -0.09 13.14 -21.73
N LEU A 37 -0.56 13.76 -20.65
CA LEU A 37 -0.14 13.40 -19.34
C LEU A 37 -0.49 11.97 -19.14
N CYS A 38 -1.74 11.57 -19.38
CA CYS A 38 -2.11 10.18 -19.23
C CYS A 38 -1.23 9.27 -20.05
N THR A 39 -0.60 9.64 -21.15
CA THR A 39 0.26 8.71 -21.86
C THR A 39 1.50 8.49 -21.00
N ALA A 40 1.96 9.42 -20.19
CA ALA A 40 3.06 9.21 -19.28
C ALA A 40 2.62 8.22 -18.20
N VAL A 41 1.43 8.48 -17.62
CA VAL A 41 0.89 7.64 -16.57
C VAL A 41 0.76 6.20 -16.99
N LYS A 42 0.30 5.85 -18.16
CA LYS A 42 0.11 4.45 -18.52
C LYS A 42 1.45 3.81 -18.58
N ALA A 43 2.40 4.56 -19.14
CA ALA A 43 3.69 4.01 -19.40
C ALA A 43 4.45 3.82 -18.14
N ILE A 44 4.20 4.66 -17.15
CA ILE A 44 4.82 4.51 -15.82
C ILE A 44 4.08 3.42 -15.10
N SER A 45 2.74 3.35 -15.07
CA SER A 45 2.04 2.26 -14.43
C SER A 45 2.59 0.97 -14.90
N THR A 46 2.68 0.80 -16.21
CA THR A 46 3.24 -0.39 -16.82
C THR A 46 4.63 -0.52 -16.27
N ALA A 47 5.49 0.47 -16.21
CA ALA A 47 6.85 0.20 -15.79
C ALA A 47 6.92 -0.15 -14.32
N VAL A 48 6.04 0.39 -13.45
CA VAL A 48 6.11 0.06 -12.04
C VAL A 48 5.62 -1.36 -11.92
N ARG A 49 4.62 -1.85 -12.63
CA ARG A 49 4.17 -3.23 -12.53
C ARG A 49 5.15 -4.30 -13.04
N LYS A 50 6.32 -3.99 -13.59
CA LYS A 50 7.26 -5.03 -13.98
C LYS A 50 8.57 -4.59 -13.36
N ALA A 51 8.59 -3.62 -12.44
CA ALA A 51 9.81 -3.15 -11.80
C ALA A 51 10.41 -4.38 -11.18
N GLY A 52 11.60 -4.63 -11.70
CA GLY A 52 12.38 -5.76 -11.22
C GLY A 52 11.99 -7.09 -11.87
N ILE A 53 12.09 -7.19 -13.21
CA ILE A 53 12.09 -8.45 -13.95
C ILE A 53 13.28 -8.20 -14.90
N ALA A 54 14.43 -8.60 -14.32
CA ALA A 54 15.82 -8.61 -14.85
C ALA A 54 16.70 -9.21 -13.72
N HIS A 55 17.55 -10.09 -14.00
N LYS A 72 17.47 5.05 -11.45
CA LYS A 72 16.79 4.20 -12.42
C LYS A 72 15.42 4.89 -12.52
N LEU A 73 14.30 4.16 -12.49
CA LEU A 73 12.98 4.69 -12.59
C LEU A 73 12.66 6.14 -12.58
N ASP A 74 12.75 6.85 -11.46
CA ASP A 74 12.30 8.21 -11.44
C ASP A 74 12.99 9.10 -12.42
N VAL A 75 14.16 8.76 -12.93
CA VAL A 75 14.67 9.59 -14.00
C VAL A 75 13.95 9.26 -15.32
N LEU A 76 13.67 7.99 -15.66
CA LEU A 76 12.84 7.64 -16.80
C LEU A 76 11.53 8.42 -16.63
N SER A 77 10.92 8.27 -15.44
CA SER A 77 9.63 8.85 -15.09
C SER A 77 9.64 10.31 -15.39
N ASN A 78 10.66 11.06 -14.98
CA ASN A 78 10.73 12.48 -15.26
C ASN A 78 10.87 12.81 -16.74
N ASP A 79 11.74 12.07 -17.43
CA ASP A 79 11.96 12.32 -18.84
C ASP A 79 10.64 12.19 -19.58
N LEU A 80 10.02 11.06 -19.36
CA LEU A 80 8.76 10.76 -19.99
C LEU A 80 7.70 11.83 -19.81
N VAL A 81 7.51 12.34 -18.61
CA VAL A 81 6.50 13.35 -18.45
C VAL A 81 6.97 14.66 -19.02
N ILE A 82 8.25 15.00 -19.08
CA ILE A 82 8.59 16.31 -19.62
C ILE A 82 8.36 16.26 -21.08
N ASN A 83 8.72 15.18 -21.69
CA ASN A 83 8.53 15.02 -23.12
C ASN A 83 7.09 15.02 -23.53
N VAL A 84 6.25 14.28 -22.78
CA VAL A 84 4.86 14.25 -23.19
C VAL A 84 4.37 15.66 -23.01
N LEU A 85 4.71 16.40 -21.94
CA LEU A 85 4.18 17.76 -21.78
C LEU A 85 4.69 18.76 -22.84
N LYS A 86 5.95 18.71 -23.24
CA LYS A 86 6.45 19.57 -24.27
C LYS A 86 5.58 19.32 -25.48
N SER A 87 5.48 18.09 -26.01
CA SER A 87 4.63 17.85 -27.17
C SER A 87 3.16 18.22 -27.11
N SER A 88 2.70 18.55 -25.91
CA SER A 88 1.31 18.83 -25.74
C SER A 88 0.89 20.01 -26.60
N PHE A 89 1.87 20.89 -26.88
CA PHE A 89 1.60 22.21 -27.43
C PHE A 89 0.74 22.98 -26.45
N ALA A 90 0.89 22.81 -25.14
CA ALA A 90 0.12 23.61 -24.20
C ALA A 90 0.83 24.04 -22.89
N THR A 91 2.10 23.81 -22.71
CA THR A 91 2.72 24.27 -21.50
C THR A 91 3.68 25.35 -21.87
N CYS A 92 4.53 25.76 -20.97
CA CYS A 92 5.47 26.83 -21.23
C CYS A 92 6.44 26.91 -20.07
N VAL A 93 6.10 26.44 -18.85
CA VAL A 93 7.04 26.32 -17.70
C VAL A 93 6.65 24.98 -17.09
N LEU A 94 7.58 24.08 -16.81
CA LEU A 94 7.26 22.80 -16.18
C LEU A 94 8.21 22.72 -15.01
N VAL A 95 7.75 22.53 -13.78
CA VAL A 95 8.61 22.50 -12.61
C VAL A 95 8.56 21.04 -12.15
N THR A 96 9.73 20.51 -11.81
CA THR A 96 9.86 19.09 -11.52
C THR A 96 10.50 18.92 -10.22
N GLU A 97 10.22 17.75 -9.63
CA GLU A 97 10.85 17.38 -8.40
C GLU A 97 12.30 17.23 -8.81
N GLU A 98 12.58 16.35 -9.75
CA GLU A 98 13.96 16.04 -10.09
C GLU A 98 14.77 17.06 -10.95
N ASP A 99 14.60 18.38 -10.87
CA ASP A 99 15.39 19.29 -11.68
C ASP A 99 15.70 20.54 -10.89
N LYS A 100 16.93 21.08 -10.92
CA LYS A 100 17.22 22.27 -10.13
C LYS A 100 16.31 23.42 -10.51
N ASN A 101 16.33 23.73 -11.77
CA ASN A 101 15.60 24.86 -12.28
C ASN A 101 14.50 24.33 -13.13
N ALA A 102 13.48 25.18 -13.17
CA ALA A 102 12.26 25.00 -13.95
C ALA A 102 12.55 24.94 -15.44
N ILE A 103 11.60 24.42 -16.26
CA ILE A 103 11.82 24.20 -17.67
C ILE A 103 10.95 25.06 -18.56
N ILE A 104 11.63 25.76 -19.50
CA ILE A 104 10.98 26.68 -20.46
C ILE A 104 11.05 26.07 -21.86
N VAL A 105 9.77 25.90 -22.20
CA VAL A 105 9.31 25.19 -23.38
C VAL A 105 9.59 26.02 -24.62
N GLU A 106 10.34 25.42 -25.55
CA GLU A 106 10.67 26.00 -26.85
C GLU A 106 9.46 26.74 -27.41
N PRO A 107 9.55 27.89 -28.03
CA PRO A 107 8.42 28.71 -28.43
C PRO A 107 7.45 28.04 -29.38
N GLU A 108 8.00 27.11 -30.15
CA GLU A 108 7.22 26.37 -31.15
C GLU A 108 6.22 25.45 -30.48
N LYS A 109 6.57 25.03 -29.28
CA LYS A 109 5.74 24.14 -28.50
C LYS A 109 5.16 24.84 -27.27
N ARG A 110 5.21 26.16 -27.08
CA ARG A 110 4.59 26.76 -25.90
C ARG A 110 3.06 26.86 -26.05
N GLY A 111 2.37 26.96 -24.91
CA GLY A 111 0.93 27.08 -24.79
C GLY A 111 0.68 27.68 -23.41
N LYS A 112 -0.58 27.75 -22.96
CA LYS A 112 -0.78 28.54 -21.75
C LYS A 112 -0.59 27.92 -20.35
N TYR A 113 -0.13 26.69 -20.17
CA TYR A 113 -0.05 26.15 -18.86
C TYR A 113 1.26 25.91 -18.21
N VAL A 114 1.23 26.09 -16.89
CA VAL A 114 2.35 25.79 -15.98
C VAL A 114 2.05 24.48 -15.23
N VAL A 115 2.90 23.48 -15.38
CA VAL A 115 2.61 22.31 -14.64
C VAL A 115 3.77 22.02 -13.73
N CYS A 116 3.46 21.96 -12.43
CA CYS A 116 4.46 21.57 -11.44
C CYS A 116 4.15 20.11 -11.22
N PHE A 117 5.10 19.19 -11.19
CA PHE A 117 4.72 17.83 -10.97
C PHE A 117 5.85 17.15 -10.24
N ASP A 118 5.54 16.09 -9.46
CA ASP A 118 6.55 15.15 -8.92
C ASP A 118 6.15 13.95 -9.72
N PRO A 119 7.04 13.38 -10.50
CA PRO A 119 6.74 12.28 -11.39
C PRO A 119 6.56 10.99 -10.66
N LEU A 120 7.40 10.83 -9.61
CA LEU A 120 7.49 9.69 -8.74
C LEU A 120 8.07 10.04 -7.46
N ASP A 121 6.90 9.94 -6.85
CA ASP A 121 6.89 10.16 -5.46
C ASP A 121 7.06 8.93 -4.64
N GLY A 122 8.11 8.89 -3.88
CA GLY A 122 8.34 7.76 -3.04
C GLY A 122 8.94 6.60 -3.78
N SER A 123 9.77 6.88 -4.81
CA SER A 123 10.35 5.88 -5.68
C SER A 123 11.02 4.78 -4.88
N SER A 124 11.78 5.11 -3.83
CA SER A 124 12.43 4.21 -2.87
C SER A 124 11.63 2.97 -2.43
N ASN A 125 10.34 3.21 -2.29
CA ASN A 125 9.36 2.23 -1.87
C ASN A 125 9.11 1.05 -2.76
N ILE A 126 9.49 1.07 -4.02
CA ILE A 126 9.11 0.04 -4.97
C ILE A 126 9.66 -1.33 -4.56
N ASP A 127 10.67 -1.30 -3.70
CA ASP A 127 11.30 -2.56 -3.30
C ASP A 127 10.48 -3.35 -2.32
N CYS A 128 9.82 -2.50 -1.51
CA CYS A 128 8.93 -2.87 -0.44
C CYS A 128 7.53 -3.11 -1.05
N LEU A 129 7.24 -2.64 -2.27
CA LEU A 129 5.99 -2.80 -3.02
C LEU A 129 4.83 -1.94 -2.64
N VAL A 130 5.24 -0.78 -2.11
CA VAL A 130 4.30 0.23 -1.68
C VAL A 130 3.61 0.91 -2.85
N SER A 131 2.32 1.21 -2.67
CA SER A 131 1.51 1.98 -3.61
C SER A 131 2.23 3.35 -3.70
N ILE A 132 2.55 3.94 -4.88
CA ILE A 132 3.32 5.22 -5.14
C ILE A 132 2.61 6.06 -6.21
N GLY A 133 3.00 7.32 -6.52
CA GLY A 133 2.30 8.03 -7.57
C GLY A 133 2.95 9.25 -8.21
N THR A 134 2.30 9.82 -9.22
CA THR A 134 2.74 11.04 -9.84
C THR A 134 1.89 12.13 -9.21
N ILE A 135 2.29 13.37 -9.07
CA ILE A 135 1.43 14.42 -8.57
C ILE A 135 1.69 15.67 -9.41
N PHE A 136 0.76 16.59 -9.64
CA PHE A 136 0.96 17.73 -10.54
C PHE A 136 -0.06 18.81 -10.28
N GLY A 137 0.19 20.01 -10.71
CA GLY A 137 -0.75 21.09 -10.55
C GLY A 137 -0.58 21.98 -11.76
N ILE A 138 -1.63 22.58 -12.25
CA ILE A 138 -1.54 23.33 -13.48
C ILE A 138 -1.99 24.79 -13.28
N TYR A 139 -1.01 25.68 -13.41
CA TYR A 139 -1.35 27.07 -13.38
C TYR A 139 -1.49 27.65 -14.78
N ARG A 140 -2.26 28.71 -14.93
CA ARG A 140 -2.50 29.42 -16.18
C ARG A 140 -1.49 30.56 -16.07
N LYS A 141 -0.57 30.69 -17.03
CA LYS A 141 0.30 31.85 -17.04
C LYS A 141 -0.59 33.03 -17.41
N ASN A 142 -0.80 34.00 -16.53
CA ASN A 142 -1.63 35.14 -16.89
C ASN A 142 -0.82 36.31 -17.52
N SER A 143 0.48 36.44 -17.21
CA SER A 143 1.31 37.55 -17.64
C SER A 143 1.80 37.50 -19.08
N THR A 144 2.01 38.74 -19.52
CA THR A 144 2.56 39.06 -20.83
C THR A 144 4.04 38.76 -21.10
N ASP A 145 5.01 38.78 -20.17
CA ASP A 145 6.37 38.52 -20.57
C ASP A 145 6.81 37.07 -20.81
N GLU A 146 8.13 36.91 -21.03
CA GLU A 146 8.79 35.63 -21.27
C GLU A 146 8.43 34.69 -20.13
N PRO A 147 8.00 33.47 -20.39
CA PRO A 147 7.90 32.40 -19.45
C PRO A 147 9.08 32.46 -18.56
N SER A 148 8.73 32.22 -17.31
CA SER A 148 9.67 32.30 -16.20
C SER A 148 9.35 31.48 -14.93
N GLU A 149 10.37 31.31 -14.06
CA GLU A 149 10.18 30.69 -12.73
C GLU A 149 9.02 31.43 -12.03
N LYS A 150 8.92 32.75 -12.15
CA LYS A 150 7.86 33.49 -11.50
C LYS A 150 6.46 33.07 -11.90
N ASP A 151 6.21 32.51 -13.07
CA ASP A 151 4.84 32.12 -13.38
C ASP A 151 4.43 30.96 -12.48
N ALA A 152 5.36 30.18 -11.92
CA ALA A 152 5.05 29.08 -11.01
C ALA A 152 4.83 29.53 -9.59
N LEU A 153 5.39 30.68 -9.21
CA LEU A 153 5.28 31.23 -7.88
C LEU A 153 3.96 31.96 -7.67
N GLN A 154 2.94 31.14 -7.78
CA GLN A 154 1.55 31.59 -7.75
C GLN A 154 0.97 30.74 -6.61
N PRO A 155 -0.01 31.23 -5.87
CA PRO A 155 -0.60 30.58 -4.74
C PRO A 155 -1.37 29.43 -5.25
N GLY A 156 -1.29 28.41 -4.40
CA GLY A 156 -2.08 27.20 -4.59
C GLY A 156 -3.56 27.53 -4.79
N ARG A 157 -4.05 28.61 -4.24
CA ARG A 157 -5.43 29.03 -4.44
C ARG A 157 -5.83 29.26 -5.91
N ASN A 158 -4.83 29.60 -6.72
CA ASN A 158 -5.07 29.90 -8.13
C ASN A 158 -5.19 28.77 -9.12
N LEU A 159 -4.70 27.59 -8.75
CA LEU A 159 -4.82 26.43 -9.60
C LEU A 159 -6.14 26.26 -10.31
N VAL A 160 -5.90 25.78 -11.52
CA VAL A 160 -6.94 25.53 -12.54
C VAL A 160 -7.51 24.10 -12.42
N ALA A 161 -6.54 23.20 -12.39
CA ALA A 161 -6.66 21.77 -12.39
C ALA A 161 -5.44 21.23 -11.60
N ALA A 162 -5.61 20.08 -10.93
CA ALA A 162 -4.59 19.43 -10.11
C ALA A 162 -5.11 18.03 -9.80
N GLY A 163 -4.27 17.06 -9.48
CA GLY A 163 -4.79 15.74 -9.18
C GLY A 163 -3.63 14.81 -9.02
N TYR A 164 -3.85 13.50 -9.01
CA TYR A 164 -2.69 12.63 -8.90
C TYR A 164 -2.93 11.31 -9.58
N ALA A 165 -1.85 10.63 -9.83
CA ALA A 165 -1.99 9.35 -10.43
C ALA A 165 -1.42 8.42 -9.39
N LEU A 166 -2.16 7.36 -9.13
CA LEU A 166 -1.77 6.38 -8.13
C LEU A 166 -1.54 5.02 -8.75
N TYR A 167 -0.44 4.37 -8.36
CA TYR A 167 -0.12 3.04 -8.89
C TYR A 167 -0.08 2.09 -7.71
N GLY A 168 -1.09 1.27 -7.74
CA GLY A 168 -1.27 0.25 -6.76
C GLY A 168 -2.05 -0.82 -7.49
N SER A 169 -2.86 -1.55 -6.73
CA SER A 169 -3.63 -2.65 -7.26
C SER A 169 -4.34 -2.31 -8.53
N ALA A 170 -4.70 -1.05 -8.67
CA ALA A 170 -5.31 -0.55 -9.87
C ALA A 170 -4.63 0.77 -10.09
N THR A 171 -4.43 1.22 -11.30
CA THR A 171 -3.87 2.54 -11.49
C THR A 171 -5.06 3.48 -11.59
N MET A 172 -5.06 4.59 -10.87
CA MET A 172 -6.25 5.43 -10.80
C MET A 172 -5.87 6.90 -10.69
N LEU A 173 -6.65 7.70 -11.42
CA LEU A 173 -6.40 9.11 -11.52
C LEU A 173 -7.46 9.98 -10.83
N VAL A 174 -7.19 10.68 -9.71
CA VAL A 174 -8.18 11.57 -9.12
C VAL A 174 -7.80 12.93 -9.65
N LEU A 175 -8.72 13.60 -10.34
CA LEU A 175 -8.45 14.86 -11.00
C LEU A 175 -9.39 15.83 -10.42
N ALA A 176 -8.83 16.93 -10.09
CA ALA A 176 -9.58 17.93 -9.40
C ALA A 176 -9.67 19.20 -10.25
N MET A 177 -10.84 19.66 -10.64
CA MET A 177 -11.00 20.89 -11.44
C MET A 177 -12.04 21.77 -10.77
N VAL A 178 -12.20 23.02 -11.22
CA VAL A 178 -13.07 23.99 -10.54
C VAL A 178 -14.44 23.42 -10.25
N ASN A 179 -15.04 22.64 -11.13
CA ASN A 179 -16.35 21.99 -10.86
C ASN A 179 -16.33 20.78 -9.89
N GLY A 180 -15.22 20.10 -9.59
CA GLY A 180 -15.36 18.91 -8.80
C GLY A 180 -14.13 18.07 -8.67
N VAL A 181 -14.28 16.96 -7.92
CA VAL A 181 -13.22 16.00 -7.77
C VAL A 181 -13.78 14.75 -8.40
N ASN A 182 -13.01 14.07 -9.24
CA ASN A 182 -13.47 12.86 -9.87
C ASN A 182 -12.38 11.79 -9.91
N CYS A 183 -12.77 10.53 -9.81
CA CYS A 183 -11.79 9.48 -9.85
C CYS A 183 -11.96 8.77 -11.15
N PHE A 184 -10.92 8.66 -11.90
CA PHE A 184 -10.93 7.90 -13.10
C PHE A 184 -10.13 6.64 -12.76
N MET A 185 -10.25 5.52 -13.51
CA MET A 185 -9.58 4.24 -13.19
C MET A 185 -9.03 3.67 -14.46
N LEU A 186 -7.79 3.24 -14.57
CA LEU A 186 -7.31 2.84 -15.87
C LEU A 186 -7.78 1.43 -16.22
N ASP A 187 -8.45 1.28 -17.35
CA ASP A 187 -8.87 0.00 -17.82
C ASP A 187 -7.70 -0.49 -18.68
N PRO A 188 -6.98 -1.54 -18.29
CA PRO A 188 -5.73 -2.03 -18.90
C PRO A 188 -5.90 -2.80 -20.18
N ALA A 189 -7.17 -3.16 -20.41
CA ALA A 189 -7.53 -3.86 -21.62
C ALA A 189 -7.39 -2.83 -22.73
N ILE A 190 -8.10 -1.70 -22.56
CA ILE A 190 -8.21 -0.71 -23.61
C ILE A 190 -7.27 0.46 -23.45
N GLY A 191 -6.46 0.45 -22.40
CA GLY A 191 -5.56 1.56 -22.11
C GLY A 191 -6.31 2.86 -22.08
N GLU A 192 -7.39 2.95 -21.32
CA GLU A 192 -8.09 4.22 -21.31
C GLU A 192 -8.50 4.51 -19.89
N PHE A 193 -8.69 5.74 -19.48
CA PHE A 193 -9.10 5.93 -18.11
C PHE A 193 -10.55 6.14 -18.12
N ILE A 194 -11.21 5.37 -17.28
CA ILE A 194 -12.65 5.43 -17.19
C ILE A 194 -13.10 6.11 -15.90
N LEU A 195 -14.08 7.01 -16.09
CA LEU A 195 -14.71 7.74 -15.01
C LEU A 195 -15.48 6.79 -14.17
N VAL A 196 -15.05 6.62 -12.93
CA VAL A 196 -15.82 5.76 -12.07
C VAL A 196 -16.40 6.53 -10.92
N ASP A 197 -15.80 7.27 -9.98
CA ASP A 197 -16.64 7.89 -8.95
C ASP A 197 -16.66 9.35 -9.26
N ARG A 198 -17.86 9.92 -9.23
CA ARG A 198 -18.14 11.30 -9.62
C ARG A 198 -18.37 12.17 -8.37
N ASN A 199 -17.94 13.39 -8.52
CA ASN A 199 -18.13 14.46 -7.56
C ASN A 199 -17.93 14.18 -6.10
N VAL A 200 -16.84 13.47 -5.88
CA VAL A 200 -16.37 13.06 -4.58
C VAL A 200 -16.45 14.18 -3.55
N LYS A 201 -17.02 13.83 -2.40
CA LYS A 201 -17.04 14.72 -1.24
C LYS A 201 -16.54 13.84 -0.07
N ILE A 202 -15.69 14.34 0.85
CA ILE A 202 -15.16 13.54 1.96
C ILE A 202 -16.13 13.24 3.14
N LYS A 203 -15.93 12.26 4.06
CA LYS A 203 -16.80 12.14 5.22
C LYS A 203 -16.41 13.30 6.09
N LYS A 204 -17.34 13.93 6.82
CA LYS A 204 -17.04 15.11 7.63
C LYS A 204 -16.03 14.98 8.76
N LYS A 205 -16.27 14.05 9.67
CA LYS A 205 -15.28 13.70 10.64
C LYS A 205 -15.02 12.26 10.24
N GLY A 206 -13.87 11.71 10.62
CA GLY A 206 -13.58 10.33 10.26
C GLY A 206 -12.86 9.64 11.40
N SER A 207 -12.44 8.39 11.19
CA SER A 207 -11.86 7.58 12.26
C SER A 207 -10.38 7.21 12.16
N ILE A 208 -9.53 7.97 11.48
CA ILE A 208 -8.16 7.57 11.22
C ILE A 208 -7.22 8.75 11.28
N TYR A 209 -6.19 8.58 12.05
CA TYR A 209 -5.16 9.58 12.04
C TYR A 209 -3.92 9.00 11.33
N SER A 210 -3.19 9.82 10.58
CA SER A 210 -2.04 9.30 9.86
C SER A 210 -0.92 10.27 10.08
N ILE A 211 0.20 9.73 10.61
CA ILE A 211 1.39 10.49 10.89
C ILE A 211 2.53 9.52 11.11
N ASN A 212 3.76 9.88 10.76
CA ASN A 212 4.87 9.02 11.05
C ASN A 212 5.18 9.26 12.51
N GLU A 213 4.67 8.32 13.34
CA GLU A 213 4.87 8.38 14.79
C GLU A 213 6.29 8.22 15.27
N GLY A 214 7.24 7.66 14.49
CA GLY A 214 8.65 7.57 14.87
C GLY A 214 9.31 8.92 15.21
N TYR A 215 8.68 10.04 14.85
CA TYR A 215 9.11 11.40 15.18
C TYR A 215 8.37 11.89 16.40
N ALA A 216 7.86 11.02 17.26
CA ALA A 216 7.00 11.44 18.36
C ALA A 216 7.74 12.23 19.38
N LYS A 217 9.06 12.08 19.37
CA LYS A 217 9.84 12.91 20.25
C LYS A 217 10.02 14.35 19.72
N GLU A 218 9.55 14.58 18.49
CA GLU A 218 9.64 15.85 17.77
C GLU A 218 8.30 16.58 17.65
N PHE A 219 7.16 15.89 17.68
CA PHE A 219 5.86 16.51 17.46
C PHE A 219 5.48 17.61 18.41
N ASP A 220 5.66 18.83 17.90
CA ASP A 220 5.32 20.08 18.59
C ASP A 220 3.89 20.14 19.16
N PRO A 221 3.72 20.67 20.38
CA PRO A 221 2.80 20.13 21.41
C PRO A 221 1.30 20.06 21.11
N ALA A 222 0.98 20.64 19.98
CA ALA A 222 -0.34 20.63 19.45
C ALA A 222 -0.66 19.23 18.96
N ILE A 223 0.27 18.67 18.17
CA ILE A 223 0.12 17.35 17.58
C ILE A 223 -0.01 16.27 18.65
N THR A 224 1.02 16.04 19.47
CA THR A 224 1.06 15.02 20.52
C THR A 224 -0.20 15.01 21.37
N GLU A 225 -0.72 16.22 21.66
CA GLU A 225 -1.96 16.39 22.40
C GLU A 225 -3.02 15.60 21.64
N TYR A 226 -3.28 16.04 20.38
CA TYR A 226 -4.32 15.47 19.55
C TYR A 226 -4.03 13.99 19.39
N ILE A 227 -2.77 13.54 19.28
CA ILE A 227 -2.42 12.12 19.14
C ILE A 227 -2.98 11.31 20.30
N GLN A 228 -2.66 11.76 21.54
CA GLN A 228 -3.12 11.09 22.75
C GLN A 228 -4.64 11.22 22.85
N ARG A 229 -5.17 12.44 22.72
CA ARG A 229 -6.60 12.75 22.70
C ARG A 229 -7.46 11.85 21.80
N LYS A 230 -6.82 11.23 20.81
CA LYS A 230 -7.51 10.36 19.90
C LYS A 230 -7.27 8.88 20.20
N LYS A 231 -6.06 8.54 20.65
CA LYS A 231 -5.72 7.16 20.98
C LYS A 231 -6.51 6.74 22.23
N PHE A 232 -6.35 7.44 23.34
CA PHE A 232 -7.12 7.18 24.54
C PHE A 232 -8.06 8.38 24.49
N PRO A 233 -9.27 8.33 23.96
CA PRO A 233 -10.12 9.50 23.80
C PRO A 233 -10.68 9.85 25.16
N PRO A 234 -10.25 10.88 25.92
CA PRO A 234 -10.77 11.16 27.28
C PRO A 234 -12.27 11.47 27.38
N ASP A 235 -12.93 11.52 26.21
CA ASP A 235 -14.37 11.69 26.07
C ASP A 235 -15.02 10.28 26.13
N ASN A 236 -14.28 9.24 26.55
CA ASN A 236 -14.71 7.85 26.66
C ASN A 236 -15.42 7.41 25.39
N SER A 237 -14.61 7.62 24.34
CA SER A 237 -15.00 7.39 22.96
C SER A 237 -14.10 6.33 22.32
N ALA A 238 -14.50 5.79 21.16
CA ALA A 238 -13.68 4.83 20.43
C ALA A 238 -12.42 5.51 19.86
N PRO A 239 -11.22 5.00 20.20
CA PRO A 239 -9.98 5.48 19.66
C PRO A 239 -10.01 5.46 18.15
N TYR A 240 -9.27 6.39 17.58
CA TYR A 240 -9.09 6.32 16.16
C TYR A 240 -8.13 5.19 15.80
N GLY A 241 -8.23 4.53 14.65
CA GLY A 241 -7.12 3.66 14.24
C GLY A 241 -6.01 4.54 13.64
N ALA A 242 -4.78 4.06 13.50
CA ALA A 242 -3.75 4.84 12.84
C ALA A 242 -3.29 4.03 11.66
N ARG A 243 -2.79 4.72 10.66
CA ARG A 243 -2.34 4.09 9.44
C ARG A 243 -1.30 5.04 8.94
N TYR A 244 -0.24 4.54 8.32
CA TYR A 244 0.73 5.42 7.67
C TYR A 244 1.30 4.45 6.70
N VAL A 245 1.00 4.59 5.44
CA VAL A 245 1.60 3.71 4.44
C VAL A 245 3.00 4.28 4.16
N GLY A 246 3.22 5.60 4.30
CA GLY A 246 4.56 6.23 4.09
C GLY A 246 4.89 6.55 2.65
N SER A 247 3.87 6.80 1.86
CA SER A 247 3.99 7.18 0.48
C SER A 247 2.86 8.22 0.47
N MET A 248 3.12 9.50 0.17
CA MET A 248 2.08 10.50 0.33
C MET A 248 0.75 10.15 -0.26
N VAL A 249 0.92 9.71 -1.49
CA VAL A 249 -0.20 9.44 -2.36
C VAL A 249 -1.16 8.38 -1.81
N ALA A 250 -0.72 7.21 -1.26
CA ALA A 250 -1.66 6.21 -0.75
C ALA A 250 -2.35 6.72 0.53
N ASP A 251 -1.60 7.49 1.34
CA ASP A 251 -2.11 8.06 2.55
C ASP A 251 -3.21 9.02 2.27
N VAL A 252 -2.99 9.89 1.27
CA VAL A 252 -3.99 10.90 0.93
C VAL A 252 -5.16 10.30 0.22
N HIS A 253 -4.91 9.35 -0.69
CA HIS A 253 -6.05 8.77 -1.36
C HIS A 253 -7.00 8.17 -0.34
N ARG A 254 -6.43 7.39 0.58
CA ARG A 254 -7.21 6.81 1.64
C ARG A 254 -7.95 7.91 2.43
N THR A 255 -7.29 8.97 2.91
CA THR A 255 -7.95 10.07 3.61
C THR A 255 -9.13 10.63 2.84
N LEU A 256 -8.97 10.68 1.53
CA LEU A 256 -10.01 11.17 0.66
C LEU A 256 -11.18 10.24 0.81
N VAL A 257 -11.04 8.96 0.49
CA VAL A 257 -12.21 8.10 0.42
C VAL A 257 -12.85 7.64 1.72
N TYR A 258 -12.02 7.18 2.65
CA TYR A 258 -12.54 6.69 3.89
C TYR A 258 -12.61 7.85 4.89
N GLY A 259 -12.20 9.08 4.57
CA GLY A 259 -12.28 10.19 5.53
C GLY A 259 -11.12 10.03 6.48
N GLY A 260 -10.94 10.90 7.46
CA GLY A 260 -9.78 10.79 8.33
C GLY A 260 -8.88 12.00 8.33
N ILE A 261 -7.62 11.82 8.69
CA ILE A 261 -6.69 12.93 8.69
C ILE A 261 -5.31 12.39 8.45
N PHE A 262 -4.57 13.15 7.67
CA PHE A 262 -3.20 12.82 7.42
C PHE A 262 -2.50 14.07 7.88
N MET A 263 -1.26 13.89 8.33
CA MET A 263 -0.48 14.95 8.90
C MET A 263 0.98 14.67 8.67
N TYR A 264 1.72 15.72 8.35
CA TYR A 264 3.14 15.63 8.20
C TYR A 264 3.58 17.08 8.44
N PRO A 265 3.90 17.38 9.71
CA PRO A 265 4.20 18.70 10.18
C PRO A 265 5.68 18.87 10.38
N ALA A 266 6.00 20.16 10.49
CA ALA A 266 7.33 20.61 10.81
C ALA A 266 7.83 19.81 12.01
N ASN A 267 8.79 18.92 11.81
CA ASN A 267 9.41 18.23 12.93
C ASN A 267 10.88 18.68 13.00
N LYS A 268 11.87 18.06 13.68
CA LYS A 268 13.24 18.58 13.83
C LYS A 268 14.28 18.20 12.77
N LYS A 269 14.15 16.99 12.19
CA LYS A 269 14.90 16.56 10.99
C LYS A 269 14.43 17.50 9.87
N SER A 270 13.11 17.68 9.88
CA SER A 270 12.39 18.44 8.88
C SER A 270 11.64 19.63 9.52
N PRO A 271 12.27 20.74 9.93
CA PRO A 271 11.59 21.86 10.54
C PRO A 271 10.61 22.53 9.64
N LYS A 272 10.63 22.39 8.29
CA LYS A 272 9.65 23.08 7.43
C LYS A 272 8.70 22.13 6.69
N GLY A 273 8.37 21.03 7.37
CA GLY A 273 7.66 19.97 6.73
C GLY A 273 8.66 19.31 5.80
N LYS A 274 8.27 18.24 5.13
CA LYS A 274 9.18 17.59 4.21
C LYS A 274 8.72 17.79 2.75
N LEU A 275 7.40 17.81 2.67
CA LEU A 275 6.68 17.77 1.43
C LEU A 275 6.83 19.14 0.85
N ARG A 276 7.49 19.18 -0.31
CA ARG A 276 7.67 20.38 -1.14
C ARG A 276 6.29 20.99 -1.51
N LEU A 277 6.19 22.33 -1.66
CA LEU A 277 4.90 22.96 -1.83
C LEU A 277 4.27 22.85 -3.20
N LEU A 278 4.91 23.39 -4.24
CA LEU A 278 4.22 23.49 -5.52
C LEU A 278 3.76 22.17 -6.09
N TYR A 279 4.48 21.09 -5.83
CA TYR A 279 4.02 19.82 -6.36
C TYR A 279 3.62 18.75 -5.41
N GLU A 280 3.74 18.89 -4.09
CA GLU A 280 3.14 17.86 -3.27
C GLU A 280 2.08 18.53 -2.49
N CYS A 281 2.37 19.54 -1.72
CA CYS A 281 1.34 20.09 -0.88
C CYS A 281 0.21 20.78 -1.61
N ASN A 282 0.41 21.66 -2.62
CA ASN A 282 -0.73 22.37 -3.16
C ASN A 282 -1.71 21.55 -3.96
N PRO A 283 -1.39 20.57 -4.80
CA PRO A 283 -2.32 19.65 -5.46
C PRO A 283 -3.24 18.87 -4.56
N MET A 284 -2.65 18.08 -3.62
CA MET A 284 -3.45 17.39 -2.62
C MET A 284 -4.34 18.45 -1.98
N ALA A 285 -3.84 19.59 -1.51
CA ALA A 285 -4.63 20.54 -0.80
C ALA A 285 -5.89 20.98 -1.53
N TYR A 286 -5.60 21.36 -2.78
CA TYR A 286 -6.60 21.76 -3.77
C TYR A 286 -7.63 20.67 -3.93
N VAL A 287 -7.16 19.41 -4.01
CA VAL A 287 -8.05 18.29 -4.15
C VAL A 287 -8.90 18.19 -2.88
N MET A 288 -8.32 18.31 -1.67
CA MET A 288 -9.01 18.21 -0.40
C MET A 288 -10.11 19.24 -0.31
N GLU A 289 -9.81 20.50 -0.49
CA GLU A 289 -10.83 21.50 -0.38
C GLU A 289 -11.91 21.35 -1.43
N LYS A 290 -11.60 20.97 -2.66
CA LYS A 290 -12.67 20.81 -3.66
C LYS A 290 -13.64 19.70 -3.35
N ALA A 291 -13.11 18.84 -2.49
CA ALA A 291 -13.81 17.67 -2.02
C ALA A 291 -14.46 18.02 -0.73
N GLY A 292 -14.20 19.17 -0.12
CA GLY A 292 -14.82 19.53 1.14
C GLY A 292 -13.94 19.22 2.34
N GLY A 293 -12.69 18.77 2.14
CA GLY A 293 -11.77 18.66 3.26
C GLY A 293 -11.10 20.01 3.45
N LEU A 294 -10.20 20.10 4.42
CA LEU A 294 -9.40 21.30 4.57
C LEU A 294 -7.98 20.87 4.57
N ALA A 295 -7.05 21.82 4.45
CA ALA A 295 -5.64 21.50 4.59
C ALA A 295 -4.91 22.77 4.96
N THR A 296 -4.19 22.74 6.07
CA THR A 296 -3.60 23.92 6.68
C THR A 296 -2.19 23.48 7.05
N THR A 297 -1.50 24.45 7.65
CA THR A 297 -0.19 24.20 8.21
C THR A 297 -0.29 24.11 9.75
N GLY A 298 -1.53 24.46 10.19
CA GLY A 298 -1.85 24.68 11.58
C GLY A 298 -1.55 26.14 11.95
N LYS A 299 -1.05 26.93 10.99
CA LYS A 299 -0.71 28.33 11.16
C LYS A 299 -1.36 29.14 10.00
N GLU A 300 -1.72 28.49 8.87
CA GLU A 300 -2.46 29.11 7.76
C GLU A 300 -2.87 28.07 6.69
N ALA A 301 -3.58 28.45 5.63
CA ALA A 301 -3.98 27.50 4.62
C ALA A 301 -2.84 27.20 3.68
N VAL A 302 -2.71 25.92 3.33
CA VAL A 302 -1.64 25.49 2.41
C VAL A 302 -1.81 26.14 1.08
N LEU A 303 -3.02 26.20 0.57
CA LEU A 303 -3.25 26.86 -0.71
C LEU A 303 -3.04 28.36 -0.69
N ASP A 304 -3.13 29.02 0.46
CA ASP A 304 -3.01 30.48 0.45
C ASP A 304 -1.59 31.01 0.50
N ILE A 305 -0.61 30.13 0.64
CA ILE A 305 0.75 30.59 0.76
C ILE A 305 1.23 31.21 -0.52
N VAL A 306 2.05 32.21 -0.33
CA VAL A 306 2.69 32.84 -1.47
C VAL A 306 4.09 32.30 -1.47
N PRO A 307 4.37 31.45 -2.48
CA PRO A 307 5.67 30.84 -2.63
C PRO A 307 6.59 31.87 -3.23
N THR A 308 7.79 31.61 -2.80
CA THR A 308 8.91 32.44 -3.09
C THR A 308 9.89 31.50 -3.76
N ASP A 309 9.94 30.26 -3.29
CA ASP A 309 10.74 29.29 -3.95
C ASP A 309 9.82 28.24 -4.52
N ILE A 310 10.20 27.81 -5.73
CA ILE A 310 9.44 26.80 -6.43
C ILE A 310 9.57 25.45 -5.74
N HIS A 311 10.70 25.31 -5.01
CA HIS A 311 11.02 24.04 -4.36
C HIS A 311 10.90 24.14 -2.84
N GLN A 312 10.16 25.13 -2.27
CA GLN A 312 10.05 25.28 -0.82
C GLN A 312 9.16 24.24 -0.19
N ARG A 313 9.20 23.93 1.12
CA ARG A 313 8.39 22.85 1.70
C ARG A 313 7.33 23.37 2.64
N ALA A 314 6.50 22.44 3.10
CA ALA A 314 5.36 22.76 3.94
C ALA A 314 5.13 21.67 4.94
N PRO A 315 4.71 22.17 6.09
CA PRO A 315 4.03 21.36 7.07
C PRO A 315 2.64 21.24 6.48
N ILE A 316 2.02 20.08 6.56
CA ILE A 316 0.67 19.95 6.05
C ILE A 316 -0.14 19.06 6.99
N ILE A 317 -1.44 19.26 7.01
CA ILE A 317 -2.38 18.52 7.84
C ILE A 317 -3.64 18.61 6.99
N LEU A 318 -4.16 17.57 6.39
CA LEU A 318 -5.34 17.72 5.58
C LEU A 318 -6.34 16.62 5.80
N GLY A 319 -7.63 16.78 5.63
CA GLY A 319 -8.49 15.63 5.84
C GLY A 319 -9.85 16.13 6.26
N SER A 320 -10.75 15.19 6.60
CA SER A 320 -12.13 15.47 6.97
C SER A 320 -12.23 16.69 7.85
N PRO A 321 -13.09 17.64 7.55
CA PRO A 321 -13.01 18.97 8.12
C PRO A 321 -12.98 18.97 9.62
N GLU A 322 -13.89 18.30 10.36
CA GLU A 322 -13.89 18.34 11.82
C GLU A 322 -12.60 17.91 12.43
N ASP A 323 -12.04 16.78 12.04
CA ASP A 323 -10.72 16.43 12.56
C ASP A 323 -9.63 17.51 12.41
N VAL A 324 -9.53 18.15 11.25
CA VAL A 324 -8.53 19.18 11.03
C VAL A 324 -8.97 20.37 11.86
N THR A 325 -10.26 20.63 11.99
CA THR A 325 -10.73 21.70 12.85
C THR A 325 -10.36 21.43 14.34
N GLU A 326 -10.38 20.14 14.69
CA GLU A 326 -10.06 19.67 16.01
C GLU A 326 -8.62 19.99 16.22
N LEU A 327 -7.71 19.37 15.47
CA LEU A 327 -6.33 19.74 15.60
C LEU A 327 -6.11 21.25 15.49
N LEU A 328 -6.96 22.00 14.80
CA LEU A 328 -6.74 23.44 14.72
C LEU A 328 -7.06 24.18 16.00
N GLU A 329 -8.05 23.72 16.80
CA GLU A 329 -8.38 24.32 18.11
C GLU A 329 -7.11 24.31 18.90
N ILE A 330 -6.65 23.07 19.11
CA ILE A 330 -5.42 22.75 19.81
C ILE A 330 -4.26 23.63 19.35
N TYR A 331 -4.10 23.99 18.07
CA TYR A 331 -2.97 24.78 17.68
C TYR A 331 -3.19 26.16 18.23
N GLN A 332 -4.43 26.65 18.31
CA GLN A 332 -4.67 27.96 18.89
C GLN A 332 -5.25 27.84 20.30
N LYS A 333 -4.74 26.85 21.03
CA LYS A 333 -5.09 26.58 22.43
C LYS A 333 -3.73 26.09 22.94
N HIS A 334 -2.61 26.58 22.41
CA HIS A 334 -1.29 26.15 22.83
C HIS A 334 -0.22 27.17 22.48
N ALA A 335 -0.67 28.43 22.52
CA ALA A 335 0.10 29.65 22.29
C ALA A 335 -0.94 30.77 22.41
N ALA B 5 13.81 -8.29 -23.56
CA ALA B 5 12.46 -8.75 -23.83
C ALA B 5 12.69 -9.75 -24.92
N PHE B 6 11.90 -10.81 -24.81
CA PHE B 6 12.10 -12.07 -25.50
C PHE B 6 13.43 -12.58 -24.95
N ASP B 7 13.17 -13.50 -24.02
CA ASP B 7 14.19 -14.16 -23.22
C ASP B 7 14.06 -15.66 -23.55
N THR B 8 15.11 -16.44 -23.78
CA THR B 8 14.94 -17.85 -24.11
C THR B 8 14.94 -18.79 -22.90
N ASN B 9 15.41 -18.28 -21.77
CA ASN B 9 15.68 -19.11 -20.59
C ASN B 9 15.14 -18.44 -19.32
N ILE B 10 13.83 -18.53 -18.99
CA ILE B 10 13.23 -17.91 -17.78
C ILE B 10 12.66 -18.88 -16.73
N VAL B 11 13.06 -18.66 -15.47
CA VAL B 11 12.64 -19.53 -14.38
C VAL B 11 11.31 -19.08 -13.85
N THR B 12 10.34 -19.73 -14.50
CA THR B 12 8.94 -19.60 -14.16
C THR B 12 8.81 -20.45 -12.92
N LEU B 13 8.02 -20.12 -11.91
CA LEU B 13 7.86 -20.93 -10.71
C LEU B 13 7.57 -22.40 -11.00
N THR B 14 6.72 -22.79 -11.98
CA THR B 14 6.50 -24.19 -12.37
C THR B 14 7.86 -24.81 -12.66
N ARG B 15 8.64 -24.29 -13.60
CA ARG B 15 10.00 -24.74 -13.91
C ARG B 15 10.94 -24.72 -12.72
N PHE B 16 10.78 -23.72 -11.86
CA PHE B 16 11.58 -23.56 -10.71
C PHE B 16 11.24 -24.66 -9.77
N VAL B 17 10.12 -24.64 -9.06
CA VAL B 17 9.75 -25.66 -8.08
C VAL B 17 9.84 -27.07 -8.66
N MET B 18 9.70 -27.28 -9.98
CA MET B 18 9.85 -28.59 -10.59
C MET B 18 11.30 -28.99 -10.55
N GLU B 19 12.26 -28.08 -10.71
CA GLU B 19 13.65 -28.43 -10.52
C GLU B 19 13.84 -28.79 -9.04
N GLN B 20 12.86 -28.54 -8.15
CA GLN B 20 12.88 -28.97 -6.77
C GLN B 20 12.13 -30.28 -6.52
N GLY B 21 10.91 -30.48 -7.03
CA GLY B 21 10.16 -31.72 -6.90
C GLY B 21 10.91 -32.99 -7.39
N ARG B 22 11.59 -33.00 -8.58
CA ARG B 22 12.29 -34.20 -9.09
C ARG B 22 13.70 -34.43 -8.54
N LYS B 23 14.59 -33.47 -8.30
CA LYS B 23 15.93 -33.79 -7.77
C LYS B 23 15.88 -34.41 -6.37
N ALA B 24 14.82 -34.08 -5.65
CA ALA B 24 14.60 -34.64 -4.34
C ALA B 24 13.44 -35.63 -4.37
N ARG B 25 13.01 -36.16 -5.54
CA ARG B 25 11.96 -37.18 -5.70
C ARG B 25 10.63 -36.92 -4.98
N GLY B 26 10.36 -35.71 -4.49
CA GLY B 26 9.19 -35.33 -3.70
C GLY B 26 7.97 -35.10 -4.58
N THR B 27 7.70 -36.12 -5.40
CA THR B 27 6.69 -36.34 -6.42
C THR B 27 6.21 -35.20 -7.30
N GLY B 28 6.58 -33.94 -7.05
CA GLY B 28 6.08 -32.86 -7.83
C GLY B 28 4.57 -32.75 -7.61
N GLU B 29 4.04 -33.36 -6.53
CA GLU B 29 2.64 -33.19 -6.19
C GLU B 29 2.48 -31.71 -5.86
N MET B 30 3.53 -31.19 -5.20
CA MET B 30 3.71 -29.78 -4.86
C MET B 30 3.38 -28.89 -6.06
N THR B 31 3.98 -29.20 -7.20
CA THR B 31 3.78 -28.53 -8.46
C THR B 31 2.31 -28.35 -8.80
N GLN B 32 1.63 -29.42 -9.19
CA GLN B 32 0.24 -29.40 -9.62
C GLN B 32 -0.61 -28.48 -8.77
N LEU B 33 -0.47 -28.70 -7.48
CA LEU B 33 -1.14 -27.94 -6.47
C LEU B 33 -0.83 -26.49 -6.73
N LEU B 34 0.45 -26.12 -6.57
CA LEU B 34 0.89 -24.74 -6.68
C LEU B 34 0.51 -24.03 -7.95
N ASN B 35 0.78 -24.70 -9.04
CA ASN B 35 0.41 -24.29 -10.37
C ASN B 35 -1.04 -23.79 -10.43
N SER B 36 -1.94 -24.58 -9.82
CA SER B 36 -3.34 -24.23 -9.72
C SER B 36 -3.50 -23.01 -8.84
N LEU B 37 -2.75 -22.92 -7.76
CA LEU B 37 -2.89 -21.76 -6.91
C LEU B 37 -2.43 -20.56 -7.69
N CYS B 38 -1.48 -20.71 -8.62
CA CYS B 38 -1.01 -19.63 -9.46
C CYS B 38 -2.21 -19.23 -10.29
N THR B 39 -2.88 -20.08 -11.08
CA THR B 39 -4.09 -19.64 -11.79
C THR B 39 -5.11 -18.94 -10.93
N ALA B 40 -5.43 -19.37 -9.71
CA ALA B 40 -6.35 -18.59 -8.89
C ALA B 40 -5.73 -17.22 -8.61
N VAL B 41 -4.53 -17.18 -8.03
CA VAL B 41 -3.86 -15.97 -7.59
C VAL B 41 -3.88 -14.87 -8.63
N LYS B 42 -3.63 -15.30 -9.87
CA LYS B 42 -3.60 -14.37 -10.97
C LYS B 42 -4.98 -13.79 -11.28
N ALA B 43 -5.90 -14.70 -11.53
CA ALA B 43 -7.23 -14.34 -11.84
C ALA B 43 -7.83 -13.37 -10.86
N ILE B 44 -7.60 -13.55 -9.57
CA ILE B 44 -8.10 -12.63 -8.55
C ILE B 44 -7.50 -11.23 -8.82
N SER B 45 -6.17 -11.08 -8.88
CA SER B 45 -5.45 -9.86 -9.16
C SER B 45 -5.95 -9.07 -10.41
N THR B 46 -6.21 -9.69 -11.57
CA THR B 46 -6.83 -9.08 -12.74
C THR B 46 -8.02 -8.32 -12.24
N ALA B 47 -8.95 -9.04 -11.60
CA ALA B 47 -10.20 -8.53 -11.05
C ALA B 47 -10.02 -7.37 -10.10
N VAL B 48 -9.03 -7.41 -9.25
CA VAL B 48 -8.80 -6.34 -8.28
C VAL B 48 -8.31 -5.04 -9.02
N ARG B 49 -7.60 -5.26 -10.15
CA ARG B 49 -6.99 -4.18 -10.90
C ARG B 49 -8.23 -3.59 -11.52
N LYS B 50 -9.08 -4.21 -12.34
CA LYS B 50 -10.32 -3.53 -12.77
C LYS B 50 -11.32 -3.39 -11.62
N ALA B 51 -11.01 -3.55 -10.35
CA ALA B 51 -12.02 -3.67 -9.30
C ALA B 51 -13.34 -2.95 -9.33
N GLY B 52 -13.13 -1.65 -9.56
CA GLY B 52 -14.20 -0.65 -9.48
C GLY B 52 -14.73 -0.16 -10.81
N ILE B 53 -14.57 -0.97 -11.86
CA ILE B 53 -15.09 -0.70 -13.18
C ILE B 53 -15.89 -1.96 -13.57
N ALA B 54 -16.18 -2.92 -12.64
CA ALA B 54 -16.89 -4.18 -12.98
C ALA B 54 -18.44 -4.12 -12.96
N HIS B 55 -18.99 -3.49 -12.04
N LYS B 72 -18.23 -8.97 -1.68
CA LYS B 72 -18.38 -9.97 -2.72
C LYS B 72 -16.95 -10.41 -2.86
N LEU B 73 -16.28 -10.15 -4.00
CA LEU B 73 -14.94 -10.57 -4.34
C LEU B 73 -14.50 -11.62 -3.40
N ASP B 74 -13.98 -11.38 -2.19
CA ASP B 74 -13.56 -12.42 -1.22
C ASP B 74 -14.34 -13.71 -1.27
N VAL B 75 -15.65 -13.62 -1.43
CA VAL B 75 -16.46 -14.80 -1.59
C VAL B 75 -16.10 -15.45 -2.92
N LEU B 76 -16.31 -14.80 -4.04
CA LEU B 76 -15.94 -15.41 -5.29
C LEU B 76 -14.48 -15.76 -5.29
N SER B 77 -13.60 -15.00 -4.66
CA SER B 77 -12.20 -15.36 -4.61
C SER B 77 -12.05 -16.71 -3.92
N ASN B 78 -12.77 -16.91 -2.81
CA ASN B 78 -12.71 -18.17 -2.07
C ASN B 78 -13.22 -19.26 -2.98
N ASP B 79 -14.41 -19.16 -3.50
CA ASP B 79 -14.91 -20.19 -4.36
C ASP B 79 -13.96 -20.57 -5.48
N LEU B 80 -13.31 -19.64 -6.12
CA LEU B 80 -12.41 -19.97 -7.18
C LEU B 80 -11.21 -20.68 -6.59
N VAL B 81 -10.57 -20.22 -5.52
CA VAL B 81 -9.44 -20.94 -4.95
C VAL B 81 -9.88 -22.37 -4.57
N ILE B 82 -10.99 -22.65 -3.86
CA ILE B 82 -11.50 -23.99 -3.52
C ILE B 82 -11.48 -24.85 -4.77
N ASN B 83 -12.35 -24.36 -5.64
CA ASN B 83 -12.61 -25.01 -6.87
C ASN B 83 -11.32 -25.29 -7.63
N VAL B 84 -10.33 -24.39 -7.84
CA VAL B 84 -9.13 -24.75 -8.64
C VAL B 84 -8.29 -25.74 -7.87
N LEU B 85 -8.24 -25.57 -6.55
CA LEU B 85 -7.40 -26.41 -5.71
C LEU B 85 -7.69 -27.87 -5.86
N LYS B 86 -9.01 -28.11 -5.73
CA LYS B 86 -9.54 -29.44 -5.80
C LYS B 86 -8.97 -30.05 -7.07
N SER B 87 -9.19 -29.46 -8.24
CA SER B 87 -8.73 -30.10 -9.45
C SER B 87 -7.22 -30.24 -9.64
N SER B 88 -6.40 -29.81 -8.67
CA SER B 88 -4.96 -30.02 -8.78
C SER B 88 -4.55 -31.44 -8.41
N PHE B 89 -5.51 -32.23 -7.88
CA PHE B 89 -5.36 -33.62 -7.43
C PHE B 89 -4.28 -33.79 -6.38
N ALA B 90 -4.11 -32.75 -5.60
CA ALA B 90 -3.08 -32.79 -4.61
C ALA B 90 -3.63 -32.43 -3.24
N THR B 91 -4.93 -32.61 -3.05
CA THR B 91 -5.55 -32.26 -1.79
C THR B 91 -6.54 -33.30 -1.26
N CYS B 92 -6.91 -33.11 -0.01
CA CYS B 92 -7.87 -33.92 0.69
C CYS B 92 -8.51 -32.99 1.69
N VAL B 93 -7.79 -32.05 2.33
CA VAL B 93 -8.37 -31.09 3.28
C VAL B 93 -8.14 -29.62 2.92
N LEU B 94 -9.13 -28.73 3.02
CA LEU B 94 -8.94 -27.33 2.71
C LEU B 94 -9.56 -26.48 3.82
N VAL B 95 -8.96 -25.39 4.28
CA VAL B 95 -9.53 -24.57 5.35
C VAL B 95 -9.52 -23.12 4.86
N THR B 96 -10.62 -22.32 4.87
CA THR B 96 -10.66 -20.91 4.47
C THR B 96 -10.94 -20.05 5.69
N GLU B 97 -10.72 -18.73 5.66
CA GLU B 97 -11.22 -17.81 6.67
C GLU B 97 -12.75 -17.84 6.56
N GLU B 98 -13.19 -17.57 5.33
CA GLU B 98 -14.60 -17.48 5.00
C GLU B 98 -15.18 -18.87 4.73
N ASP B 99 -15.08 -19.77 5.72
CA ASP B 99 -15.63 -21.13 5.65
C ASP B 99 -15.74 -21.88 6.99
N LYS B 100 -16.65 -22.88 7.00
CA LYS B 100 -17.10 -23.68 8.15
C LYS B 100 -16.06 -24.65 8.72
N ASN B 101 -16.36 -25.94 8.64
CA ASN B 101 -15.42 -26.96 9.02
C ASN B 101 -14.62 -27.04 7.73
N ALA B 102 -13.38 -27.48 7.86
CA ALA B 102 -12.52 -27.67 6.71
C ALA B 102 -13.26 -28.47 5.63
N ILE B 103 -13.06 -28.15 4.37
CA ILE B 103 -13.69 -28.92 3.31
C ILE B 103 -12.81 -30.16 3.18
N ILE B 104 -13.49 -31.30 3.10
CA ILE B 104 -12.84 -32.57 2.81
C ILE B 104 -13.11 -32.63 1.32
N VAL B 105 -12.10 -32.97 0.54
CA VAL B 105 -12.22 -32.96 -0.91
C VAL B 105 -13.22 -34.00 -1.38
N GLU B 106 -14.17 -33.59 -2.22
CA GLU B 106 -15.17 -34.52 -2.72
C GLU B 106 -14.53 -35.46 -3.75
N PRO B 107 -14.64 -36.74 -3.44
CA PRO B 107 -13.48 -37.59 -3.10
C PRO B 107 -12.53 -38.08 -4.19
N GLU B 108 -13.01 -38.05 -5.45
CA GLU B 108 -12.30 -38.51 -6.65
C GLU B 108 -10.96 -37.78 -6.88
N LYS B 109 -10.94 -36.48 -6.56
CA LYS B 109 -9.81 -35.57 -6.83
C LYS B 109 -8.70 -35.51 -5.76
N ARG B 110 -8.71 -36.55 -4.92
CA ARG B 110 -7.82 -36.63 -3.81
C ARG B 110 -6.36 -36.88 -4.06
N GLY B 111 -5.69 -36.43 -3.02
CA GLY B 111 -4.28 -36.52 -2.92
C GLY B 111 -3.92 -36.18 -1.49
N LYS B 112 -2.64 -35.94 -1.27
CA LYS B 112 -2.11 -35.83 0.07
C LYS B 112 -2.06 -34.53 0.82
N TYR B 113 -2.64 -33.42 0.37
CA TYR B 113 -2.39 -32.19 1.11
C TYR B 113 -3.58 -31.43 1.66
N VAL B 114 -3.19 -30.75 2.72
CA VAL B 114 -4.04 -29.89 3.51
C VAL B 114 -3.65 -28.49 3.13
N VAL B 115 -4.49 -27.74 2.43
CA VAL B 115 -4.15 -26.37 2.16
C VAL B 115 -5.05 -25.57 3.07
N CYS B 116 -4.53 -24.73 3.94
CA CYS B 116 -5.41 -23.89 4.73
C CYS B 116 -5.11 -22.42 4.34
N PHE B 117 -6.03 -21.50 3.99
CA PHE B 117 -5.74 -20.21 3.33
C PHE B 117 -6.74 -19.05 3.47
N ASP B 118 -6.47 -17.73 3.53
CA ASP B 118 -7.49 -16.62 3.52
C ASP B 118 -7.30 -16.05 2.13
N PRO B 119 -8.25 -16.09 1.21
CA PRO B 119 -8.03 -15.64 -0.14
C PRO B 119 -8.05 -14.14 -0.27
N LEU B 120 -8.60 -13.33 0.64
CA LEU B 120 -8.67 -11.90 0.42
C LEU B 120 -9.00 -11.26 1.75
N ASP B 121 -7.67 -11.19 2.08
CA ASP B 121 -7.10 -10.59 3.29
C ASP B 121 -7.39 -9.14 3.14
N GLY B 122 -7.91 -8.46 4.12
CA GLY B 122 -8.29 -7.06 4.08
C GLY B 122 -9.30 -6.79 2.97
N SER B 123 -10.30 -7.65 2.72
CA SER B 123 -11.19 -7.47 1.55
C SER B 123 -12.00 -6.16 1.40
N SER B 124 -11.87 -5.30 2.40
CA SER B 124 -12.44 -3.96 2.48
C SER B 124 -11.52 -2.96 1.80
N ASN B 125 -10.28 -3.06 2.23
CA ASN B 125 -9.18 -2.22 1.82
C ASN B 125 -9.08 -1.91 0.32
N ILE B 126 -9.60 -2.73 -0.60
CA ILE B 126 -9.60 -2.48 -2.04
C ILE B 126 -10.15 -1.11 -2.39
N ASP B 127 -11.23 -0.75 -1.73
CA ASP B 127 -11.93 0.45 -2.09
C ASP B 127 -11.16 1.67 -1.68
N CYS B 128 -10.24 1.53 -0.73
CA CYS B 128 -9.36 2.62 -0.40
C CYS B 128 -8.04 2.41 -1.15
N LEU B 129 -7.94 1.44 -2.05
CA LEU B 129 -6.77 1.12 -2.88
C LEU B 129 -5.49 0.82 -2.10
N VAL B 130 -5.72 0.05 -1.06
CA VAL B 130 -4.60 -0.38 -0.26
C VAL B 130 -4.29 -1.79 -0.80
N SER B 131 -3.03 -2.26 -0.66
CA SER B 131 -2.60 -3.57 -1.17
C SER B 131 -3.11 -4.75 -0.31
N ILE B 132 -3.58 -5.87 -0.88
CA ILE B 132 -4.19 -6.99 -0.17
C ILE B 132 -3.71 -8.33 -0.72
N GLY B 133 -3.88 -9.49 -0.07
CA GLY B 133 -3.32 -10.74 -0.56
C GLY B 133 -4.10 -12.01 -0.29
N THR B 134 -3.62 -13.10 -0.88
CA THR B 134 -4.05 -14.48 -0.68
C THR B 134 -2.98 -15.10 0.22
N ILE B 135 -3.19 -15.62 1.45
CA ILE B 135 -2.11 -16.40 2.07
C ILE B 135 -2.39 -17.88 1.86
N PHE B 136 -1.48 -18.78 2.17
CA PHE B 136 -1.75 -20.21 2.16
C PHE B 136 -0.74 -20.91 3.06
N GLY B 137 -1.19 -21.99 3.67
CA GLY B 137 -0.39 -22.90 4.44
C GLY B 137 -0.68 -24.26 3.84
N ILE B 138 0.38 -25.04 3.61
CA ILE B 138 0.16 -26.37 3.12
C ILE B 138 0.99 -27.38 3.89
N TYR B 139 0.19 -28.40 4.17
CA TYR B 139 0.56 -29.57 4.91
C TYR B 139 0.38 -30.79 4.04
N ARG B 140 1.04 -31.87 4.48
CA ARG B 140 0.91 -33.19 3.88
C ARG B 140 0.17 -34.09 4.90
N LYS B 141 -0.73 -35.01 4.49
CA LYS B 141 -1.56 -35.81 5.39
C LYS B 141 -0.86 -36.98 6.11
N ASN B 142 -0.73 -36.76 7.43
CA ASN B 142 -0.11 -37.68 8.40
C ASN B 142 -1.04 -38.81 8.82
N SER B 143 -2.21 -38.79 8.27
CA SER B 143 -3.19 -39.76 8.63
C SER B 143 -3.36 -40.70 7.47
N THR B 144 -3.35 -41.98 7.77
CA THR B 144 -3.64 -42.96 6.76
C THR B 144 -5.08 -43.44 7.03
N ASP B 145 -5.87 -42.57 7.65
CA ASP B 145 -7.27 -42.81 7.95
C ASP B 145 -8.13 -42.05 6.93
N GLU B 146 -9.37 -41.65 7.21
CA GLU B 146 -10.09 -40.85 6.24
C GLU B 146 -9.79 -39.35 6.41
N PRO B 147 -9.82 -38.49 5.38
CA PRO B 147 -9.90 -37.05 5.52
C PRO B 147 -11.00 -36.62 6.48
N SER B 148 -10.54 -36.07 7.58
CA SER B 148 -11.46 -35.57 8.54
C SER B 148 -10.88 -34.22 8.86
N GLU B 149 -11.73 -33.23 9.16
CA GLU B 149 -11.35 -31.85 9.49
C GLU B 149 -10.20 -31.74 10.48
N LYS B 150 -10.21 -32.79 11.28
CA LYS B 150 -9.22 -33.03 12.27
C LYS B 150 -7.83 -32.99 11.63
N ASP B 151 -7.60 -33.69 10.53
CA ASP B 151 -6.33 -33.75 9.80
C ASP B 151 -5.72 -32.39 9.51
N ALA B 152 -6.61 -31.40 9.35
CA ALA B 152 -6.17 -30.04 9.07
C ALA B 152 -5.27 -29.62 10.21
N LEU B 153 -5.70 -29.94 11.41
CA LEU B 153 -5.06 -29.52 12.64
C LEU B 153 -3.66 -30.06 13.04
N GLN B 154 -2.66 -29.94 12.13
CA GLN B 154 -1.23 -30.19 12.39
C GLN B 154 -0.66 -28.85 12.86
N PRO B 155 0.34 -28.69 13.71
CA PRO B 155 0.96 -27.41 14.02
C PRO B 155 2.10 -27.07 13.10
N GLY B 156 2.36 -25.76 13.14
CA GLY B 156 3.32 -25.05 12.32
C GLY B 156 4.48 -25.89 11.83
N ARG B 157 5.44 -26.12 12.73
CA ARG B 157 6.69 -26.81 12.48
C ARG B 157 6.57 -28.06 11.63
N ASN B 158 5.41 -28.68 11.41
CA ASN B 158 5.25 -29.81 10.52
C ASN B 158 4.61 -29.36 9.17
N LEU B 159 4.80 -28.09 8.79
CA LEU B 159 4.36 -27.47 7.51
C LEU B 159 5.27 -27.83 6.31
N VAL B 160 4.74 -28.22 5.14
CA VAL B 160 5.63 -28.53 4.03
C VAL B 160 5.98 -27.28 3.25
N ALA B 161 5.05 -26.34 3.02
CA ALA B 161 5.32 -25.13 2.26
C ALA B 161 4.39 -23.99 2.61
N ALA B 162 4.86 -22.76 2.81
CA ALA B 162 3.93 -21.68 3.00
C ALA B 162 4.31 -20.44 2.22
N GLY B 163 3.33 -19.64 1.80
CA GLY B 163 3.63 -18.37 1.21
C GLY B 163 2.37 -17.56 1.03
N TYR B 164 2.54 -16.44 0.36
CA TYR B 164 1.47 -15.50 0.07
C TYR B 164 1.56 -14.93 -1.34
N ALA B 165 0.48 -14.28 -1.71
CA ALA B 165 0.47 -13.50 -2.92
C ALA B 165 -0.01 -12.11 -2.50
N LEU B 166 0.64 -11.10 -3.13
CA LEU B 166 0.44 -9.66 -2.97
C LEU B 166 -0.04 -8.93 -4.23
N TYR B 167 -1.26 -8.40 -4.16
CA TYR B 167 -1.98 -7.70 -5.20
C TYR B 167 -1.60 -6.23 -5.02
N GLY B 168 -0.36 -5.79 -5.27
CA GLY B 168 0.06 -4.40 -5.03
C GLY B 168 0.37 -3.69 -6.35
N SER B 169 1.42 -2.85 -6.39
CA SER B 169 1.84 -2.19 -7.63
C SER B 169 2.24 -3.24 -8.63
N ALA B 170 2.58 -4.42 -8.12
CA ALA B 170 2.87 -5.59 -8.91
C ALA B 170 2.18 -6.79 -8.27
N THR B 171 2.06 -7.97 -8.90
CA THR B 171 1.57 -9.11 -8.13
C THR B 171 2.78 -9.97 -7.89
N MET B 172 3.18 -9.92 -6.65
CA MET B 172 4.35 -10.61 -6.16
C MET B 172 3.95 -11.88 -5.39
N LEU B 173 4.19 -13.15 -5.73
CA LEU B 173 3.87 -14.28 -4.86
C LEU B 173 5.16 -14.62 -4.16
N VAL B 174 5.31 -14.62 -2.85
CA VAL B 174 6.56 -15.03 -2.26
C VAL B 174 6.35 -16.46 -1.78
N LEU B 175 7.13 -17.48 -2.15
CA LEU B 175 6.94 -18.84 -1.66
C LEU B 175 8.05 -19.22 -0.69
N ALA B 176 7.71 -19.83 0.43
CA ALA B 176 8.70 -20.24 1.39
C ALA B 176 8.52 -21.70 1.60
N MET B 177 9.47 -22.38 0.99
CA MET B 177 9.59 -23.78 1.26
C MET B 177 10.86 -23.88 2.08
N VAL B 178 10.95 -25.08 2.63
CA VAL B 178 12.04 -25.58 3.46
C VAL B 178 13.48 -25.15 3.09
N ASN B 179 13.81 -24.83 1.84
CA ASN B 179 15.18 -24.44 1.49
C ASN B 179 15.43 -22.96 1.61
N GLY B 180 14.29 -22.27 1.53
CA GLY B 180 14.26 -20.84 1.67
C GLY B 180 13.04 -20.19 1.03
N VAL B 181 12.94 -18.89 1.28
CA VAL B 181 11.88 -18.10 0.71
C VAL B 181 12.40 -17.57 -0.62
N ASN B 182 11.53 -17.60 -1.61
CA ASN B 182 11.81 -17.04 -2.91
C ASN B 182 10.68 -16.08 -3.27
N CYS B 183 10.96 -14.82 -3.59
CA CYS B 183 9.93 -13.90 -4.03
C CYS B 183 9.63 -14.09 -5.50
N PHE B 184 8.41 -13.90 -6.04
CA PHE B 184 8.13 -14.07 -7.45
C PHE B 184 7.28 -12.89 -7.85
N MET B 185 7.17 -12.66 -9.17
CA MET B 185 6.49 -11.49 -9.75
C MET B 185 5.79 -11.89 -11.02
N LEU B 186 4.56 -11.41 -11.15
CA LEU B 186 3.73 -11.75 -12.27
C LEU B 186 4.09 -10.91 -13.49
N ASP B 187 4.58 -11.52 -14.57
CA ASP B 187 4.91 -10.79 -15.78
C ASP B 187 3.58 -10.87 -16.48
N PRO B 188 2.85 -9.75 -16.55
CA PRO B 188 1.51 -9.64 -17.14
C PRO B 188 1.45 -9.88 -18.64
N ALA B 189 2.59 -9.67 -19.26
CA ALA B 189 2.72 -9.91 -20.66
C ALA B 189 2.62 -11.43 -20.95
N ILE B 190 3.04 -12.37 -20.09
CA ILE B 190 2.88 -13.77 -20.45
C ILE B 190 2.10 -14.61 -19.48
N GLY B 191 1.79 -14.05 -18.32
CA GLY B 191 1.03 -14.77 -17.31
C GLY B 191 1.88 -15.77 -16.53
N GLU B 192 3.07 -15.39 -16.08
CA GLU B 192 3.89 -16.29 -15.30
C GLU B 192 4.36 -15.43 -14.17
N PHE B 193 4.61 -16.17 -13.11
CA PHE B 193 5.24 -15.60 -11.95
C PHE B 193 6.64 -16.06 -12.27
N ILE B 194 7.48 -15.08 -12.52
CA ILE B 194 8.88 -15.37 -12.71
C ILE B 194 9.56 -14.95 -11.41
N LEU B 195 10.85 -15.31 -11.25
CA LEU B 195 11.64 -15.19 -10.02
C LEU B 195 12.52 -13.95 -9.91
N VAL B 196 12.66 -13.30 -8.75
CA VAL B 196 13.51 -12.13 -8.65
C VAL B 196 14.33 -12.15 -7.34
N ASP B 197 14.05 -12.99 -6.36
CA ASP B 197 14.83 -12.98 -5.14
C ASP B 197 14.93 -14.45 -4.76
N ARG B 198 16.09 -15.09 -4.92
CA ARG B 198 16.25 -16.47 -4.43
C ARG B 198 16.81 -16.39 -2.99
N ASN B 199 16.79 -17.48 -2.23
CA ASN B 199 17.15 -17.60 -0.80
C ASN B 199 17.27 -16.28 -0.06
N VAL B 200 16.05 -15.78 0.12
CA VAL B 200 15.78 -14.51 0.78
C VAL B 200 16.05 -14.75 2.25
N LYS B 201 16.71 -13.73 2.81
CA LYS B 201 17.09 -13.64 4.20
C LYS B 201 16.74 -12.21 4.50
N ILE B 202 15.96 -12.13 5.55
CA ILE B 202 15.51 -10.88 6.11
C ILE B 202 16.71 -10.22 6.77
N LYS B 203 16.72 -8.91 7.02
CA LYS B 203 17.90 -8.34 7.67
C LYS B 203 17.91 -8.78 9.13
N LYS B 204 19.03 -8.48 9.78
CA LYS B 204 19.21 -8.85 11.16
C LYS B 204 18.55 -7.87 12.11
N LYS B 205 18.68 -6.56 11.87
CA LYS B 205 18.04 -5.60 12.76
C LYS B 205 17.42 -4.49 11.94
N GLY B 206 16.36 -3.78 12.37
CA GLY B 206 15.78 -2.73 11.51
C GLY B 206 15.51 -1.31 12.06
N SER B 207 14.71 -0.53 11.33
CA SER B 207 14.36 0.82 11.75
C SER B 207 12.85 1.06 11.69
N ILE B 208 12.06 -0.02 11.57
CA ILE B 208 10.61 0.00 11.51
C ILE B 208 9.91 -0.78 12.64
N TYR B 209 9.01 -0.19 13.37
CA TYR B 209 8.20 -0.94 14.27
C TYR B 209 6.89 -0.79 13.60
N SER B 210 6.09 -1.81 13.60
CA SER B 210 4.86 -1.75 12.87
C SER B 210 3.78 -2.32 13.78
N ILE B 211 2.81 -1.48 14.17
CA ILE B 211 1.71 -1.87 15.06
C ILE B 211 0.53 -0.89 14.94
N ASN B 212 -0.75 -1.21 15.19
CA ASN B 212 -1.85 -0.22 15.16
C ASN B 212 -1.90 0.42 16.55
N GLU B 213 -1.17 1.52 16.72
CA GLU B 213 -1.15 2.29 17.97
C GLU B 213 -2.41 3.08 18.22
N GLY B 214 -3.46 2.84 17.45
CA GLY B 214 -4.74 3.43 17.78
C GLY B 214 -5.09 2.82 19.12
N TYR B 215 -4.92 1.50 19.17
CA TYR B 215 -5.17 0.74 20.37
C TYR B 215 -4.11 0.94 21.48
N ALA B 216 -3.49 2.10 21.66
CA ALA B 216 -2.48 2.27 22.70
C ALA B 216 -3.06 2.17 24.12
N LYS B 217 -4.38 2.22 24.38
CA LYS B 217 -4.88 2.02 25.75
C LYS B 217 -4.50 0.63 26.18
N GLU B 218 -5.13 -0.31 25.46
CA GLU B 218 -5.11 -1.76 25.63
C GLU B 218 -3.76 -2.45 25.58
N PHE B 219 -2.70 -1.74 25.25
CA PHE B 219 -1.42 -2.39 25.10
C PHE B 219 -0.63 -2.72 26.36
N ASP B 220 -0.46 -4.07 26.38
CA ASP B 220 0.25 -4.78 27.44
C ASP B 220 1.67 -4.24 27.63
N PRO B 221 2.12 -4.02 28.86
CA PRO B 221 3.19 -3.07 29.18
C PRO B 221 4.58 -3.36 28.62
N ALA B 222 4.67 -4.61 28.09
CA ALA B 222 5.83 -5.15 27.44
C ALA B 222 5.94 -4.49 26.06
N ILE B 223 4.82 -4.46 25.29
CA ILE B 223 4.80 -3.80 24.00
C ILE B 223 4.91 -2.32 24.33
N THR B 224 4.15 -1.70 25.23
CA THR B 224 4.32 -0.27 25.53
C THR B 224 5.79 0.06 25.82
N GLU B 225 6.53 -0.74 26.60
CA GLU B 225 7.95 -0.51 26.76
C GLU B 225 8.58 -0.59 25.39
N TYR B 226 8.30 -1.65 24.62
CA TYR B 226 8.95 -1.85 23.34
C TYR B 226 8.76 -0.61 22.52
N ILE B 227 7.54 -0.06 22.46
CA ILE B 227 7.27 1.12 21.66
C ILE B 227 8.11 2.27 22.18
N GLN B 228 8.07 2.48 23.49
CA GLN B 228 8.81 3.59 24.04
C GLN B 228 10.30 3.55 23.84
N ARG B 229 10.91 2.37 23.55
CA ARG B 229 12.33 2.23 23.26
C ARG B 229 12.69 2.42 21.76
N LYS B 230 11.68 2.28 20.92
CA LYS B 230 11.87 2.48 19.52
C LYS B 230 11.73 3.94 19.22
N LYS B 231 10.61 4.53 19.69
CA LYS B 231 10.20 5.93 19.48
C LYS B 231 11.25 6.88 19.95
N PHE B 232 11.48 6.74 21.26
CA PHE B 232 12.41 7.51 22.03
C PHE B 232 13.43 6.41 22.23
N PRO B 233 14.60 6.31 21.60
CA PRO B 233 15.55 5.28 21.97
C PRO B 233 16.16 5.74 23.32
N PRO B 234 16.16 4.87 24.37
CA PRO B 234 16.71 5.15 25.72
C PRO B 234 18.19 5.53 25.77
N ASP B 235 18.90 4.92 24.80
CA ASP B 235 20.34 5.07 24.57
C ASP B 235 20.77 6.22 23.61
N ASN B 236 19.85 7.21 23.40
CA ASN B 236 20.01 8.38 22.53
C ASN B 236 20.67 8.09 21.17
N SER B 237 19.80 7.72 20.21
CA SER B 237 20.22 7.30 18.88
C SER B 237 19.12 7.66 17.87
N ALA B 238 18.79 6.75 16.93
CA ALA B 238 17.74 6.98 15.96
C ALA B 238 16.41 6.40 16.47
N PRO B 239 15.35 7.23 16.54
CA PRO B 239 13.98 6.77 16.50
C PRO B 239 13.72 5.86 15.31
N TYR B 240 13.11 4.77 15.72
CA TYR B 240 12.59 3.84 14.78
C TYR B 240 11.46 4.55 14.02
N GLY B 241 11.53 4.56 12.69
CA GLY B 241 10.43 5.09 11.88
C GLY B 241 9.26 4.10 11.96
N ALA B 242 8.02 4.60 11.90
CA ALA B 242 6.83 3.77 11.97
C ALA B 242 6.19 3.54 10.62
N ARG B 243 5.43 2.48 10.42
CA ARG B 243 4.79 2.18 9.14
C ARG B 243 3.79 1.04 9.29
N TYR B 244 2.54 1.32 8.96
CA TYR B 244 1.48 0.38 9.17
C TYR B 244 0.49 0.60 8.05
N VAL B 245 0.49 -0.27 7.07
CA VAL B 245 -0.44 -0.18 5.96
C VAL B 245 -1.82 -0.61 6.39
N GLY B 246 -1.91 -1.65 7.21
CA GLY B 246 -3.20 -2.10 7.71
C GLY B 246 -3.72 -3.22 6.85
N SER B 247 -2.80 -3.92 6.21
CA SER B 247 -3.19 -5.09 5.47
C SER B 247 -2.13 -5.97 6.04
N MET B 248 -2.44 -7.22 6.38
CA MET B 248 -1.49 -8.10 6.98
C MET B 248 -0.43 -8.37 5.90
N VAL B 249 -0.82 -8.65 4.64
CA VAL B 249 0.17 -8.96 3.64
C VAL B 249 1.03 -7.76 3.29
N ALA B 250 0.60 -6.54 3.57
CA ALA B 250 1.43 -5.38 3.29
C ALA B 250 2.57 -5.25 4.27
N ASP B 251 2.11 -5.35 5.50
CA ASP B 251 3.00 -5.16 6.58
C ASP B 251 4.04 -6.25 6.66
N VAL B 252 3.72 -7.52 6.44
CA VAL B 252 4.80 -8.51 6.40
C VAL B 252 5.78 -8.22 5.26
N HIS B 253 5.44 -8.13 3.97
CA HIS B 253 6.41 -7.91 2.91
C HIS B 253 7.36 -6.78 3.15
N ARG B 254 6.88 -5.63 3.59
CA ARG B 254 7.74 -4.52 3.89
C ARG B 254 8.68 -4.92 5.01
N THR B 255 8.07 -5.55 6.01
CA THR B 255 8.83 -6.02 7.15
C THR B 255 9.78 -7.09 6.65
N LEU B 256 9.47 -7.97 5.69
CA LEU B 256 10.36 -9.00 5.24
C LEU B 256 11.46 -8.29 4.48
N VAL B 257 11.30 -7.95 3.20
CA VAL B 257 12.37 -7.40 2.37
C VAL B 257 13.22 -6.27 2.96
N TYR B 258 12.68 -5.42 3.82
CA TYR B 258 13.44 -4.30 4.34
C TYR B 258 13.80 -4.55 5.78
N GLY B 259 12.93 -5.29 6.48
CA GLY B 259 13.23 -5.65 7.84
C GLY B 259 12.58 -4.82 8.93
N GLY B 260 11.75 -5.45 9.76
CA GLY B 260 11.19 -4.72 10.89
C GLY B 260 10.48 -5.57 11.95
N ILE B 261 9.76 -4.92 12.86
CA ILE B 261 9.00 -5.63 13.85
C ILE B 261 7.61 -5.17 13.52
N PHE B 262 6.88 -6.15 13.06
CA PHE B 262 5.49 -5.97 12.81
C PHE B 262 4.80 -6.73 13.92
N MET B 263 3.93 -6.05 14.64
CA MET B 263 3.33 -6.54 15.86
C MET B 263 1.84 -6.41 15.88
N TYR B 264 1.06 -7.47 15.69
CA TYR B 264 -0.31 -7.30 16.08
C TYR B 264 -0.28 -8.24 17.27
N PRO B 265 -0.12 -7.70 18.47
CA PRO B 265 -0.22 -8.47 19.68
C PRO B 265 -1.70 -8.77 19.97
N ALA B 266 -1.93 -9.14 21.21
CA ALA B 266 -3.27 -9.30 21.72
C ALA B 266 -3.50 -8.01 22.54
N ASN B 267 -4.74 -7.87 22.97
CA ASN B 267 -5.22 -6.77 23.80
C ASN B 267 -6.68 -7.08 24.13
N LYS B 268 -7.37 -6.46 25.11
CA LYS B 268 -8.78 -6.76 25.42
C LYS B 268 -9.66 -6.81 24.18
N LYS B 269 -9.53 -5.82 23.31
CA LYS B 269 -10.27 -5.82 22.05
C LYS B 269 -9.44 -6.74 21.15
N SER B 270 -9.83 -8.01 21.26
CA SER B 270 -9.27 -9.21 20.60
C SER B 270 -8.28 -9.96 21.53
N PRO B 271 -8.74 -10.54 22.66
CA PRO B 271 -7.91 -11.04 23.77
C PRO B 271 -6.89 -12.15 23.50
N LYS B 272 -6.96 -12.80 22.35
CA LYS B 272 -5.98 -13.81 21.94
C LYS B 272 -5.72 -13.56 20.42
N GLY B 273 -5.40 -12.29 20.12
CA GLY B 273 -5.11 -11.79 18.78
C GLY B 273 -6.33 -11.74 17.86
N LYS B 274 -6.23 -11.03 16.73
CA LYS B 274 -7.27 -11.01 15.68
C LYS B 274 -6.94 -12.01 14.56
N LEU B 275 -5.66 -12.37 14.42
CA LEU B 275 -5.22 -13.14 13.28
C LEU B 275 -5.35 -14.64 13.45
N ARG B 276 -6.34 -15.21 12.77
CA ARG B 276 -6.71 -16.61 12.68
C ARG B 276 -5.50 -17.48 12.31
N LEU B 277 -4.69 -17.68 13.37
CA LEU B 277 -3.46 -18.45 13.45
C LEU B 277 -3.26 -19.36 12.28
N LEU B 278 -4.20 -20.31 12.26
CA LEU B 278 -4.23 -21.37 11.30
C LEU B 278 -3.76 -21.01 9.89
N TYR B 279 -4.50 -20.17 9.17
CA TYR B 279 -4.04 -19.81 7.84
C TYR B 279 -3.54 -18.39 7.83
N GLU B 280 -3.38 -17.66 8.94
CA GLU B 280 -2.80 -16.33 8.85
C GLU B 280 -1.47 -16.26 9.58
N CYS B 281 -1.43 -16.12 10.90
CA CYS B 281 -0.19 -15.96 11.66
C CYS B 281 0.79 -17.05 11.32
N ASN B 282 0.23 -18.23 11.15
CA ASN B 282 1.03 -19.38 10.87
C ASN B 282 1.64 -19.30 9.49
N PRO B 283 0.99 -19.27 8.28
CA PRO B 283 1.64 -19.31 6.96
C PRO B 283 2.71 -18.25 6.79
N MET B 284 2.36 -17.08 7.29
CA MET B 284 3.28 -15.98 7.36
C MET B 284 4.51 -16.42 8.15
N ALA B 285 4.36 -16.89 9.39
CA ALA B 285 5.48 -17.30 10.25
C ALA B 285 6.49 -18.26 9.67
N TYR B 286 6.04 -19.27 8.91
CA TYR B 286 6.95 -20.20 8.23
C TYR B 286 7.77 -19.36 7.26
N VAL B 287 7.14 -18.45 6.49
CA VAL B 287 7.87 -17.58 5.57
C VAL B 287 8.82 -16.75 6.41
N MET B 288 8.39 -16.29 7.58
CA MET B 288 9.25 -15.57 8.48
C MET B 288 10.47 -16.33 8.98
N GLU B 289 10.29 -17.39 9.75
CA GLU B 289 11.41 -18.15 10.25
C GLU B 289 12.26 -18.66 9.10
N LYS B 290 11.74 -19.16 7.98
CA LYS B 290 12.61 -19.63 6.92
C LYS B 290 13.48 -18.60 6.19
N ALA B 291 13.49 -17.37 6.69
CA ALA B 291 14.36 -16.33 6.19
C ALA B 291 15.00 -15.61 7.37
N GLY B 292 14.95 -16.13 8.59
CA GLY B 292 15.57 -15.48 9.74
C GLY B 292 14.59 -14.77 10.69
N GLY B 293 13.33 -15.22 10.79
CA GLY B 293 12.37 -14.48 11.59
C GLY B 293 11.49 -15.31 12.51
N LEU B 294 11.92 -15.44 13.72
CA LEU B 294 11.14 -16.16 14.69
C LEU B 294 9.96 -15.28 15.04
N ALA B 295 8.86 -15.77 14.55
CA ALA B 295 7.58 -15.17 14.84
C ALA B 295 7.05 -15.79 16.14
N THR B 296 6.80 -14.93 17.12
CA THR B 296 6.30 -15.37 18.40
C THR B 296 4.86 -14.90 18.65
N THR B 297 4.28 -15.43 19.73
CA THR B 297 3.01 -14.96 20.24
C THR B 297 3.29 -13.88 21.26
N GLY B 298 4.36 -14.21 21.97
CA GLY B 298 4.85 -13.42 23.07
C GLY B 298 5.40 -14.40 24.08
N LYS B 299 4.60 -15.45 24.33
CA LYS B 299 4.99 -16.52 25.21
C LYS B 299 5.50 -17.66 24.35
N GLU B 300 4.71 -18.41 23.60
CA GLU B 300 5.25 -19.49 22.79
C GLU B 300 5.59 -19.03 21.36
N ALA B 301 6.45 -19.74 20.63
CA ALA B 301 6.66 -19.40 19.25
C ALA B 301 5.40 -19.88 18.50
N VAL B 302 4.96 -19.15 17.47
CA VAL B 302 3.74 -19.45 16.70
C VAL B 302 3.70 -20.81 15.97
N LEU B 303 4.82 -21.49 15.75
CA LEU B 303 4.78 -22.73 15.02
C LEU B 303 4.59 -23.95 15.89
N ASP B 304 4.90 -23.81 17.18
CA ASP B 304 4.81 -24.92 18.12
C ASP B 304 3.39 -25.07 18.74
N ILE B 305 2.49 -24.13 18.45
CA ILE B 305 1.15 -24.14 19.03
C ILE B 305 0.22 -25.09 18.29
N VAL B 306 0.04 -26.22 18.97
CA VAL B 306 -0.81 -27.30 18.51
C VAL B 306 -2.19 -26.70 18.21
N PRO B 307 -2.67 -26.73 16.97
CA PRO B 307 -3.83 -25.97 16.57
C PRO B 307 -5.13 -26.55 17.10
N THR B 308 -5.72 -25.78 18.00
CA THR B 308 -6.93 -26.15 18.69
C THR B 308 -8.22 -26.13 17.82
N ASP B 309 -8.35 -25.24 16.82
CA ASP B 309 -9.57 -25.14 16.01
C ASP B 309 -9.22 -24.60 14.63
N ILE B 310 -9.86 -24.92 13.48
CA ILE B 310 -9.42 -24.42 12.18
C ILE B 310 -9.44 -22.91 11.95
N HIS B 311 -10.01 -22.16 12.86
CA HIS B 311 -9.99 -20.73 12.76
C HIS B 311 -9.51 -20.29 14.13
N GLN B 312 -8.72 -21.08 14.82
CA GLN B 312 -8.23 -20.70 16.12
C GLN B 312 -7.25 -19.56 15.86
N ARG B 313 -7.47 -18.45 16.59
CA ARG B 313 -6.66 -17.23 16.52
C ARG B 313 -5.53 -17.31 17.51
N ALA B 314 -4.52 -16.48 17.27
CA ALA B 314 -3.29 -16.46 18.07
C ALA B 314 -2.35 -15.26 17.79
N PRO B 315 -2.04 -14.35 18.76
CA PRO B 315 -1.40 -13.07 18.47
C PRO B 315 -0.02 -13.28 17.82
N ILE B 316 0.51 -12.19 17.24
CA ILE B 316 1.74 -12.32 16.49
C ILE B 316 2.58 -11.06 16.44
N ILE B 317 3.85 -11.27 16.74
CA ILE B 317 4.89 -10.28 16.59
C ILE B 317 5.91 -11.05 15.79
N LEU B 318 6.21 -10.53 14.59
CA LEU B 318 7.21 -11.15 13.74
C LEU B 318 8.17 -10.11 13.23
N GLY B 319 9.10 -10.69 12.48
CA GLY B 319 10.11 -9.96 11.80
C GLY B 319 11.48 -10.54 12.06
N SER B 320 12.46 -9.75 11.69
CA SER B 320 13.87 -10.03 11.81
C SER B 320 14.32 -10.23 13.24
N PRO B 321 15.37 -11.04 13.42
CA PRO B 321 15.63 -11.78 14.63
C PRO B 321 15.86 -10.90 15.81
N GLU B 322 16.70 -9.87 15.68
CA GLU B 322 17.06 -9.08 16.83
C GLU B 322 15.94 -8.21 17.40
N ASP B 323 14.98 -7.88 16.54
CA ASP B 323 13.92 -7.00 16.96
C ASP B 323 12.93 -7.81 17.79
N VAL B 324 12.66 -9.05 17.33
CA VAL B 324 11.84 -10.01 18.04
C VAL B 324 12.45 -10.13 19.43
N THR B 325 13.68 -10.62 19.50
CA THR B 325 14.46 -10.73 20.71
C THR B 325 14.36 -9.56 21.69
N GLU B 326 14.58 -8.33 21.22
CA GLU B 326 14.54 -7.17 22.09
C GLU B 326 13.18 -7.11 22.76
N LEU B 327 12.13 -7.52 22.09
CA LEU B 327 10.87 -7.55 22.78
C LEU B 327 10.77 -8.80 23.67
N LEU B 328 11.18 -10.02 23.29
CA LEU B 328 11.01 -11.22 24.11
C LEU B 328 11.67 -11.06 25.46
N GLU B 329 12.81 -10.34 25.58
CA GLU B 329 13.44 -10.01 26.86
C GLU B 329 12.49 -9.25 27.77
N ILE B 330 11.83 -8.22 27.25
CA ILE B 330 10.84 -7.51 28.01
C ILE B 330 9.76 -8.51 28.31
N TYR B 331 9.34 -9.40 27.40
CA TYR B 331 8.29 -10.39 27.65
C TYR B 331 8.58 -11.37 28.77
N GLN B 332 9.87 -11.64 28.86
CA GLN B 332 10.45 -12.49 29.87
C GLN B 332 10.67 -11.74 31.20
N LYS B 333 10.47 -10.41 31.25
CA LYS B 333 10.71 -9.66 32.47
C LYS B 333 9.47 -8.95 33.04
N HIS B 334 8.26 -9.38 32.71
CA HIS B 334 7.05 -8.73 33.20
C HIS B 334 5.92 -9.76 33.26
N ALA B 335 6.20 -11.00 33.67
CA ALA B 335 5.18 -12.07 33.73
C ALA B 335 5.25 -12.88 35.02
ZN ZN C . 7.79 14.36 -3.83
ZN ZN D . 9.78 11.90 -5.61
P1 AHG E . 9.04 11.62 -2.49
O1P AHG E . 7.85 12.02 -3.32
O2P AHG E . 10.35 11.37 -3.19
O3P AHG E . 9.21 12.73 -1.34
O1 AHG E . 8.73 10.25 -1.69
C1 AHG E . 8.85 10.15 -0.27
C2 AHG E . 7.86 11.09 0.38
C3 AHG E . 6.43 10.55 0.54
O3 AHG E . 6.09 9.71 -0.54
C4 AHG E . 6.48 9.87 1.91
O4 AHG E . 5.22 9.74 2.58
C5 AHG E . 7.42 10.80 2.70
O5 AHG E . 8.33 11.34 1.72
C6 AHG E . 8.17 10.05 3.76
O6 AHG E . 8.23 10.87 4.95
P2 AHG E . 8.60 10.20 6.39
O4P AHG E . 9.39 8.93 6.11
O5P AHG E . 9.41 11.30 7.06
O6P AHG E . 7.30 9.93 7.13
HOP3 AHG E . 8.77 13.65 -1.50
HO3 AHG E . 6.08 10.22 -1.39
HO4 AHG E . 5.38 9.41 3.52
HOP5 AHG E . 9.38 11.18 7.99
ZN ZN F . -7.95 -12.55 7.65
ZN ZN G . -10.15 -11.97 4.68
P1 AHG H . -9.15 -9.32 6.95
O1P AHG H . -9.02 -10.38 7.98
O2P AHG H . -9.55 -9.70 5.56
O3P AHG H . -10.16 -8.25 7.53
O1 AHG H . -7.78 -8.54 6.77
C1 AHG H . -7.48 -7.37 7.53
C2 AHG H . -6.51 -7.73 8.63
C3 AHG H . -5.10 -7.10 8.49
O3 AHG H . -4.75 -7.00 7.13
C4 AHG H . -5.26 -5.77 9.23
O4 AHG H . -4.05 -5.21 9.76
C5 AHG H . -6.20 -6.17 10.39
O5 AHG H . -7.03 -7.22 9.87
C6 AHG H . -7.06 -5.03 10.88
O6 AHG H . -6.64 -4.71 12.20
P2 AHG H . -6.52 -3.15 12.68
O4P AHG H . -7.08 -2.28 11.57
O5P AHG H . -7.32 -3.13 13.97
O6P AHG H . -5.04 -2.86 12.93
HOP3 AHG H . -11.01 -8.66 7.80
HO3 AHG H . -4.96 -7.77 6.63
HO4 AHG H . -4.32 -4.31 10.20
HOP5 AHG H . -7.40 -2.27 14.29
#